data_4TN0
#
_entry.id   4TN0
#
_cell.length_a   121.850
_cell.length_b   183.140
_cell.length_c   121.500
_cell.angle_alpha   90.000
_cell.angle_beta   90.000
_cell.angle_gamma   90.000
#
_symmetry.space_group_name_H-M   'C 2 2 21'
#
loop_
_entity.id
_entity.type
_entity.pdbx_description
1 polymer 'UPF0141 protein yjdB'
2 non-polymer 'ZINC ION'
3 water water
#
_entity_poly.entity_id   1
_entity_poly.type   'polypeptide(L)'
_entity_poly.pdbx_seq_one_letter_code
;MFKTIANDAYRENNHTKKLLVLVVGETARAANYSLGGYTKNDTNFYTKKDNVVFFDNFSSCGTA(TPO)AVSLPCMFSIS
KRENYSSSEFQENAMDVLYKTGVDAAWFDNNSGGCKGVCDRLAYKQKLSSDLDENLLIPFKEKLNHLSDQNIIVLHLQGS
HGPTYYKRYPSEFKKFTPTCDTNELSKCDSEALINTYDNTLLYTDYLLSEIIKLLKEQKSYESSLFYLSDHGESLGENGI
YLHGMPYAIAPSYQTHIPAIFWSNDEKLMNLAKEHKGLKLSQDNLFSTLLGYFNVKTSVYEPEYDLLNPKLKANPGGGGG
GHHHHHHHH
;
_entity_poly.pdbx_strand_id   A,B,C
#
# COMPACT_ATOMS: atom_id res chain seq x y z
N MET A 1 -43.27 -13.99 -37.38
CA MET A 1 -43.03 -15.41 -37.10
C MET A 1 -41.84 -15.57 -36.15
N PHE A 2 -41.97 -16.36 -35.10
CA PHE A 2 -40.80 -16.69 -34.28
C PHE A 2 -40.38 -18.13 -34.55
N LYS A 3 -39.33 -18.31 -35.33
CA LYS A 3 -38.87 -19.63 -35.75
C LYS A 3 -38.12 -20.32 -34.63
N THR A 4 -38.38 -21.62 -34.45
CA THR A 4 -37.64 -22.43 -33.48
C THR A 4 -36.53 -23.12 -34.24
N ILE A 5 -35.44 -23.47 -33.55
CA ILE A 5 -34.35 -24.15 -34.22
C ILE A 5 -33.91 -25.35 -33.42
N ALA A 6 -33.11 -26.21 -34.05
CA ALA A 6 -32.64 -27.43 -33.42
C ALA A 6 -33.79 -28.16 -32.74
N ASN A 7 -34.83 -28.47 -33.52
CA ASN A 7 -36.04 -29.05 -32.97
C ASN A 7 -35.83 -30.50 -32.48
N ASP A 8 -34.75 -31.11 -32.93
CA ASP A 8 -34.38 -32.48 -32.56
C ASP A 8 -33.40 -32.57 -31.38
N ALA A 9 -33.31 -31.55 -30.53
CA ALA A 9 -32.22 -31.53 -29.56
C ALA A 9 -32.58 -32.14 -28.20
N TYR A 10 -31.60 -32.75 -27.54
CA TYR A 10 -31.83 -33.37 -26.24
C TYR A 10 -30.53 -33.69 -25.50
N ARG A 11 -30.65 -33.87 -24.19
CA ARG A 11 -29.57 -34.41 -23.36
C ARG A 11 -30.03 -35.63 -22.54
N HIS A 15 -25.91 -35.25 -15.94
CA HIS A 15 -25.02 -36.40 -15.78
C HIS A 15 -23.88 -35.92 -14.86
N THR A 16 -22.69 -35.75 -15.43
CA THR A 16 -21.56 -35.08 -14.75
C THR A 16 -22.01 -33.71 -14.20
N LYS A 17 -21.36 -33.23 -13.14
CA LYS A 17 -21.79 -31.95 -12.59
C LYS A 17 -20.97 -30.83 -13.28
N LYS A 18 -21.67 -29.90 -13.95
CA LYS A 18 -21.03 -28.93 -14.85
C LYS A 18 -21.41 -27.46 -14.60
N LEU A 19 -20.43 -26.56 -14.76
CA LEU A 19 -20.66 -25.12 -14.67
C LEU A 19 -19.86 -24.33 -15.70
N LEU A 20 -20.54 -23.70 -16.65
CA LEU A 20 -19.86 -22.83 -17.60
C LEU A 20 -20.23 -21.36 -17.33
N VAL A 21 -19.21 -20.53 -17.14
CA VAL A 21 -19.39 -19.09 -17.04
C VAL A 21 -18.94 -18.47 -18.35
N LEU A 22 -19.91 -17.92 -19.08
CA LEU A 22 -19.64 -17.27 -20.37
C LEU A 22 -19.59 -15.77 -20.17
N VAL A 23 -18.44 -15.15 -20.39
CA VAL A 23 -18.40 -13.71 -20.22
C VAL A 23 -18.37 -13.01 -21.57
N VAL A 24 -19.47 -12.29 -21.89
CA VAL A 24 -19.56 -11.47 -23.09
C VAL A 24 -19.03 -10.06 -22.81
N GLY A 25 -17.88 -9.77 -23.40
CA GLY A 25 -17.23 -8.50 -23.21
C GLY A 25 -17.78 -7.36 -24.06
N GLU A 26 -17.03 -6.28 -24.10
CA GLU A 26 -17.52 -5.09 -24.76
C GLU A 26 -16.32 -4.23 -25.18
N THR A 27 -16.19 -4.04 -26.51
CA THR A 27 -15.28 -3.07 -27.11
C THR A 27 -13.78 -3.45 -26.97
N ALA A 28 -13.50 -4.52 -26.23
CA ALA A 28 -12.11 -4.96 -26.08
C ALA A 28 -11.55 -5.52 -27.41
N ARG A 29 -10.33 -5.10 -27.74
CA ARG A 29 -9.69 -5.48 -28.97
C ARG A 29 -8.46 -6.27 -28.62
N ALA A 30 -8.15 -7.27 -29.44
CA ALA A 30 -7.08 -8.24 -29.17
C ALA A 30 -5.69 -7.61 -29.15
N ALA A 31 -5.45 -6.64 -30.03
CA ALA A 31 -4.14 -6.01 -30.21
C ALA A 31 -3.57 -5.42 -28.92
N ASN A 32 -4.41 -5.23 -27.90
CA ASN A 32 -3.96 -4.65 -26.65
C ASN A 32 -3.98 -5.65 -25.51
N TYR A 33 -3.92 -6.93 -25.86
CA TYR A 33 -3.81 -8.00 -24.89
C TYR A 33 -2.35 -8.44 -24.76
N SER A 34 -1.80 -8.34 -23.55
CA SER A 34 -0.42 -8.77 -23.31
C SER A 34 -0.30 -10.29 -23.39
N LEU A 35 -1.42 -11.00 -23.15
CA LEU A 35 -1.50 -12.45 -23.36
C LEU A 35 -1.16 -12.82 -24.79
N GLY A 36 -1.30 -11.86 -25.70
CA GLY A 36 -1.05 -12.09 -27.11
C GLY A 36 0.17 -11.34 -27.61
N GLY A 37 0.94 -10.76 -26.70
CA GLY A 37 2.17 -10.10 -27.12
C GLY A 37 2.14 -8.58 -27.19
N TYR A 38 1.11 -7.97 -26.60
CA TYR A 38 1.12 -6.52 -26.43
C TYR A 38 2.12 -6.15 -25.34
N THR A 39 2.99 -5.19 -25.62
CA THR A 39 4.08 -4.93 -24.68
C THR A 39 4.07 -3.58 -23.94
N LYS A 40 3.32 -2.60 -24.45
CA LYS A 40 3.30 -1.25 -23.87
C LYS A 40 2.82 -1.31 -22.43
N ASN A 41 1.64 -1.89 -22.21
CA ASN A 41 1.13 -2.09 -20.86
C ASN A 41 0.70 -3.56 -20.65
N ASP A 42 1.03 -4.12 -19.49
CA ASP A 42 0.68 -5.51 -19.20
C ASP A 42 -0.78 -5.65 -18.80
N THR A 43 -1.67 -5.61 -19.79
CA THR A 43 -3.12 -5.62 -19.55
C THR A 43 -3.64 -6.92 -18.96
N ASN A 44 -2.90 -8.00 -19.13
CA ASN A 44 -3.35 -9.30 -18.67
C ASN A 44 -2.60 -9.82 -17.45
N PHE A 45 -2.22 -8.89 -16.58
CA PHE A 45 -1.51 -9.17 -15.33
C PHE A 45 -2.18 -10.23 -14.44
N TYR A 46 -3.50 -10.23 -14.35
CA TYR A 46 -4.18 -11.12 -13.42
C TYR A 46 -4.44 -12.54 -13.95
N THR A 47 -5.02 -12.67 -15.15
CA THR A 47 -5.30 -13.99 -15.69
C THR A 47 -4.02 -14.68 -16.20
N LYS A 48 -2.92 -13.92 -16.33
CA LYS A 48 -1.64 -14.56 -16.63
C LYS A 48 -1.24 -15.51 -15.51
N LYS A 49 -1.62 -15.17 -14.29
CA LYS A 49 -1.29 -15.98 -13.11
C LYS A 49 -2.15 -17.23 -13.02
N ASP A 50 -3.20 -17.31 -13.82
CA ASP A 50 -4.06 -18.47 -13.81
C ASP A 50 -3.78 -19.32 -15.05
N ASN A 51 -2.75 -18.94 -15.79
CA ASN A 51 -2.33 -19.62 -17.02
C ASN A 51 -3.48 -19.92 -18.00
N VAL A 52 -4.38 -18.94 -18.14
CA VAL A 52 -5.51 -19.03 -19.04
C VAL A 52 -5.05 -19.27 -20.48
N VAL A 53 -5.92 -19.85 -21.30
CA VAL A 53 -5.63 -20.03 -22.73
C VAL A 53 -6.13 -18.82 -23.51
N PHE A 54 -5.27 -18.25 -24.36
CA PHE A 54 -5.62 -17.08 -25.15
C PHE A 54 -5.60 -17.34 -26.65
N PHE A 55 -6.76 -17.16 -27.27
CA PHE A 55 -6.90 -17.31 -28.72
C PHE A 55 -6.39 -16.07 -29.43
N ASP A 56 -5.28 -16.20 -30.15
CA ASP A 56 -4.64 -15.01 -30.70
C ASP A 56 -5.08 -14.70 -32.11
N ASN A 57 -6.01 -15.49 -32.64
CA ASN A 57 -6.46 -15.30 -34.01
C ASN A 57 -7.99 -15.40 -34.13
N PHE A 58 -8.68 -14.72 -33.22
CA PHE A 58 -10.11 -14.81 -33.03
C PHE A 58 -10.78 -13.55 -33.57
N SER A 59 -11.82 -13.73 -34.39
CA SER A 59 -12.50 -12.61 -35.03
C SER A 59 -13.96 -12.46 -34.63
N SER A 60 -14.52 -11.27 -34.84
CA SER A 60 -15.90 -11.03 -34.46
C SER A 60 -16.77 -11.10 -35.68
N CYS A 61 -18.07 -11.18 -35.43
CA CYS A 61 -19.05 -11.35 -36.46
C CYS A 61 -19.40 -10.00 -37.11
N GLY A 62 -19.31 -8.93 -36.31
CA GLY A 62 -19.61 -7.59 -36.78
C GLY A 62 -18.74 -6.57 -36.07
N THR A 63 -19.00 -5.29 -36.32
CA THR A 63 -18.21 -4.25 -35.66
C THR A 63 -19.05 -3.41 -34.74
N ALA A 64 -20.30 -3.80 -34.51
CA ALA A 64 -21.12 -3.11 -33.53
C ALA A 64 -21.95 -4.14 -32.79
N ALA A 66 -24.94 -4.48 -32.01
CA ALA A 66 -26.26 -4.82 -32.54
C ALA A 66 -26.20 -5.99 -33.53
N VAL A 67 -25.05 -6.17 -34.17
CA VAL A 67 -24.81 -7.29 -35.06
C VAL A 67 -24.08 -8.39 -34.31
N SER A 68 -22.97 -8.06 -33.66
CA SER A 68 -22.16 -9.08 -32.98
C SER A 68 -22.90 -9.91 -31.95
N LEU A 69 -23.63 -9.26 -31.05
CA LEU A 69 -24.18 -10.00 -29.93
C LEU A 69 -25.24 -11.05 -30.41
N PRO A 70 -26.24 -10.65 -31.22
CA PRO A 70 -27.18 -11.68 -31.70
C PRO A 70 -26.49 -12.72 -32.60
N CYS A 71 -25.62 -12.29 -33.50
CA CYS A 71 -24.97 -13.21 -34.42
C CYS A 71 -24.15 -14.29 -33.73
N MET A 72 -23.38 -13.92 -32.73
CA MET A 72 -22.48 -14.89 -32.09
C MET A 72 -23.32 -15.99 -31.41
N PHE A 73 -24.52 -15.65 -30.95
CA PHE A 73 -25.40 -16.58 -30.27
C PHE A 73 -26.35 -17.30 -31.25
N SER A 74 -26.39 -16.81 -32.48
CA SER A 74 -27.25 -17.40 -33.48
C SER A 74 -26.60 -18.62 -34.14
N ILE A 75 -27.43 -19.48 -34.71
CA ILE A 75 -26.96 -20.63 -35.49
C ILE A 75 -26.25 -20.15 -36.76
N SER A 76 -26.66 -18.98 -37.27
CA SER A 76 -26.03 -18.45 -38.50
C SER A 76 -24.60 -18.01 -38.24
N LYS A 77 -23.76 -18.22 -39.24
CA LYS A 77 -22.38 -17.76 -39.16
C LYS A 77 -22.31 -16.37 -39.81
N ARG A 78 -21.14 -15.74 -39.78
CA ARG A 78 -21.06 -14.34 -40.23
C ARG A 78 -21.54 -14.18 -41.67
N GLU A 79 -21.28 -15.16 -42.53
CA GLU A 79 -21.56 -15.00 -43.95
C GLU A 79 -23.04 -15.08 -44.28
N ASN A 80 -23.83 -15.68 -43.41
CA ASN A 80 -25.26 -15.83 -43.64
C ASN A 80 -26.15 -15.19 -42.60
N TYR A 81 -25.54 -14.54 -41.61
CA TYR A 81 -26.35 -13.85 -40.62
C TYR A 81 -27.05 -12.65 -41.26
N SER A 82 -28.31 -12.49 -40.91
CA SER A 82 -29.07 -11.30 -41.26
C SER A 82 -29.68 -10.73 -39.98
N SER A 83 -29.79 -9.42 -39.91
CA SER A 83 -30.35 -8.80 -38.72
C SER A 83 -31.86 -9.02 -38.63
N SER A 84 -32.45 -9.53 -39.72
CA SER A 84 -33.89 -9.66 -39.79
C SER A 84 -34.36 -11.01 -39.28
N GLU A 85 -33.40 -11.89 -39.02
CA GLU A 85 -33.76 -13.21 -38.52
C GLU A 85 -34.34 -13.05 -37.14
N PHE A 86 -35.33 -13.88 -36.83
CA PHE A 86 -36.04 -13.80 -35.57
C PHE A 86 -36.39 -15.23 -35.12
N GLN A 87 -35.47 -15.82 -34.34
CA GLN A 87 -35.51 -17.25 -34.05
C GLN A 87 -34.75 -17.58 -32.78
N GLU A 88 -34.84 -18.83 -32.33
CA GLU A 88 -34.14 -19.27 -31.12
C GLU A 88 -32.63 -19.17 -31.29
N ASN A 89 -31.91 -18.99 -30.20
CA ASN A 89 -30.45 -18.92 -30.25
C ASN A 89 -29.88 -20.05 -29.41
N ALA A 90 -28.56 -20.12 -29.29
CA ALA A 90 -27.92 -21.16 -28.48
C ALA A 90 -28.47 -21.23 -27.03
N MET A 91 -28.80 -20.09 -26.44
CA MET A 91 -29.30 -20.08 -25.06
C MET A 91 -30.69 -20.74 -24.96
N ASP A 92 -31.53 -20.53 -25.97
CA ASP A 92 -32.84 -21.15 -26.00
C ASP A 92 -32.68 -22.67 -26.12
N VAL A 93 -31.73 -23.11 -26.93
CA VAL A 93 -31.48 -24.53 -27.08
C VAL A 93 -31.03 -25.15 -25.76
N LEU A 94 -30.13 -24.49 -25.04
CA LEU A 94 -29.69 -25.03 -23.75
C LEU A 94 -30.83 -25.04 -22.74
N TYR A 95 -31.67 -24.00 -22.78
CA TYR A 95 -32.78 -23.91 -21.83
C TYR A 95 -33.84 -24.97 -22.06
N LYS A 96 -34.21 -25.17 -23.32
CA LYS A 96 -35.27 -26.11 -23.65
C LYS A 96 -34.79 -27.54 -23.49
N THR A 97 -33.48 -27.69 -23.33
CA THR A 97 -32.81 -28.98 -23.23
C THR A 97 -32.46 -29.23 -21.74
N GLY A 98 -33.00 -28.38 -20.88
CA GLY A 98 -32.94 -28.61 -19.45
C GLY A 98 -31.74 -28.05 -18.71
N VAL A 99 -30.83 -27.39 -19.41
CA VAL A 99 -29.69 -26.75 -18.77
C VAL A 99 -30.12 -25.54 -17.94
N ASP A 100 -29.52 -25.38 -16.75
CA ASP A 100 -29.78 -24.20 -15.92
C ASP A 100 -29.06 -22.96 -16.52
N ALA A 101 -29.85 -21.99 -16.97
CA ALA A 101 -29.33 -20.81 -17.64
C ALA A 101 -29.62 -19.52 -16.89
N ALA A 102 -28.56 -18.77 -16.59
CA ALA A 102 -28.69 -17.43 -15.99
C ALA A 102 -27.97 -16.38 -16.85
N TRP A 103 -28.61 -15.23 -17.04
CA TRP A 103 -28.02 -14.11 -17.79
C TRP A 103 -28.01 -12.82 -16.95
N PHE A 104 -26.82 -12.35 -16.56
CA PHE A 104 -26.69 -11.11 -15.79
C PHE A 104 -26.03 -10.00 -16.64
N ASP A 105 -26.77 -8.91 -16.87
CA ASP A 105 -26.37 -7.90 -17.86
C ASP A 105 -26.09 -6.54 -17.24
N ASN A 106 -24.84 -6.07 -17.39
CA ASN A 106 -24.44 -4.76 -16.93
C ASN A 106 -24.18 -3.80 -18.11
N ASN A 107 -24.44 -4.28 -19.31
CA ASN A 107 -24.16 -3.51 -20.51
C ASN A 107 -25.23 -2.47 -20.83
N SER A 108 -24.82 -1.24 -21.10
CA SER A 108 -25.77 -0.15 -21.33
C SER A 108 -26.72 -0.41 -22.50
N GLY A 109 -26.36 -1.36 -23.37
CA GLY A 109 -27.18 -1.67 -24.51
C GLY A 109 -28.13 -2.84 -24.36
N GLY A 110 -28.03 -3.55 -23.23
CA GLY A 110 -28.87 -4.72 -23.02
C GLY A 110 -28.36 -5.99 -23.70
N CYS A 111 -29.20 -7.02 -23.74
CA CYS A 111 -28.76 -8.29 -24.31
C CYS A 111 -29.10 -8.40 -25.81
N LYS A 112 -29.59 -7.30 -26.39
CA LYS A 112 -29.99 -7.26 -27.80
C LYS A 112 -30.85 -8.46 -28.19
N GLY A 113 -31.77 -8.86 -27.32
CA GLY A 113 -32.73 -9.91 -27.60
C GLY A 113 -32.29 -11.34 -27.40
N VAL A 114 -31.06 -11.54 -26.95
CA VAL A 114 -30.53 -12.89 -26.77
C VAL A 114 -31.11 -13.58 -25.52
N CYS A 115 -31.27 -12.80 -24.45
CA CYS A 115 -31.62 -13.30 -23.12
C CYS A 115 -33.13 -13.24 -22.84
N ASP A 116 -33.88 -12.77 -23.83
CA ASP A 116 -35.29 -12.43 -23.63
C ASP A 116 -36.18 -13.56 -23.11
N ARG A 117 -35.88 -14.78 -23.50
CA ARG A 117 -36.74 -15.90 -23.16
C ARG A 117 -36.12 -16.76 -22.05
N LEU A 118 -35.17 -16.20 -21.33
CA LEU A 118 -34.59 -16.90 -20.20
C LEU A 118 -35.43 -16.60 -18.97
N ALA A 119 -35.43 -17.54 -18.03
CA ALA A 119 -36.23 -17.37 -16.83
C ALA A 119 -35.48 -16.47 -15.86
N TYR A 120 -34.23 -16.80 -15.58
CA TYR A 120 -33.51 -15.95 -14.64
C TYR A 120 -32.44 -15.08 -15.33
N LYS A 121 -32.86 -13.83 -15.57
CA LYS A 121 -32.09 -12.77 -16.22
C LYS A 121 -32.17 -11.50 -15.34
N GLN A 122 -31.11 -10.71 -15.35
CA GLN A 122 -31.08 -9.47 -14.56
C GLN A 122 -30.41 -8.32 -15.29
N LYS A 123 -31.00 -7.14 -15.21
CA LYS A 123 -30.32 -5.95 -15.73
C LYS A 123 -29.82 -5.07 -14.59
N LEU A 124 -28.53 -4.81 -14.62
CA LEU A 124 -27.91 -3.97 -13.63
C LEU A 124 -27.80 -2.56 -14.22
N SER A 125 -27.31 -1.62 -13.42
CA SER A 125 -27.37 -0.20 -13.73
C SER A 125 -26.32 0.32 -14.72
N SER A 126 -25.45 -0.57 -15.20
CA SER A 126 -24.31 -0.22 -16.08
C SER A 126 -23.24 0.66 -15.42
N ASP A 127 -23.05 0.47 -14.12
CA ASP A 127 -21.90 1.05 -13.42
C ASP A 127 -20.76 0.05 -13.42
N LEU A 128 -19.94 0.04 -12.37
CA LEU A 128 -18.75 -0.80 -12.36
C LEU A 128 -19.11 -2.27 -12.62
N ASP A 129 -18.35 -2.93 -13.48
CA ASP A 129 -18.63 -4.31 -13.84
C ASP A 129 -18.59 -5.23 -12.62
N GLU A 130 -17.88 -4.81 -11.56
CA GLU A 130 -17.77 -5.66 -10.37
C GLU A 130 -19.14 -5.99 -9.77
N ASN A 131 -20.15 -5.16 -10.04
CA ASN A 131 -21.49 -5.41 -9.53
C ASN A 131 -22.08 -6.73 -10.02
N LEU A 132 -21.50 -7.27 -11.09
CA LEU A 132 -21.95 -8.55 -11.61
C LEU A 132 -21.53 -9.68 -10.67
N LEU A 133 -20.50 -9.46 -9.86
CA LEU A 133 -20.03 -10.52 -8.97
C LEU A 133 -21.09 -10.82 -7.89
N ILE A 134 -21.96 -9.85 -7.63
CA ILE A 134 -23.01 -10.00 -6.63
C ILE A 134 -24.09 -11.03 -7.02
N PRO A 135 -24.78 -10.85 -8.17
CA PRO A 135 -25.78 -11.88 -8.45
C PRO A 135 -25.14 -13.19 -8.88
N PHE A 136 -23.88 -13.14 -9.30
CA PHE A 136 -23.14 -14.34 -9.65
C PHE A 136 -22.87 -15.20 -8.43
N LYS A 137 -22.47 -14.56 -7.33
CA LYS A 137 -22.23 -15.29 -6.08
C LYS A 137 -23.54 -15.91 -5.60
N GLU A 138 -24.63 -15.16 -5.70
CA GLU A 138 -25.92 -15.64 -5.26
C GLU A 138 -26.44 -16.81 -6.09
N LYS A 139 -26.13 -16.81 -7.38
CA LYS A 139 -26.55 -17.92 -8.22
C LYS A 139 -25.67 -19.14 -7.93
N LEU A 140 -24.48 -18.92 -7.37
CA LEU A 140 -23.58 -20.04 -7.09
C LEU A 140 -24.09 -20.88 -5.91
N ASN A 141 -25.05 -20.34 -5.15
CA ASN A 141 -25.68 -21.08 -4.05
C ASN A 141 -26.81 -21.95 -4.58
N HIS A 142 -27.55 -21.46 -5.56
CA HIS A 142 -28.68 -22.20 -6.13
C HIS A 142 -28.38 -22.82 -7.50
N LEU A 143 -27.28 -23.56 -7.58
CA LEU A 143 -26.90 -24.25 -8.81
C LEU A 143 -27.71 -25.53 -9.01
N SER A 144 -27.75 -26.01 -10.26
CA SER A 144 -28.27 -27.35 -10.59
C SER A 144 -27.11 -28.24 -11.00
N ASP A 145 -27.39 -29.29 -11.75
CA ASP A 145 -26.35 -30.26 -12.10
C ASP A 145 -25.54 -29.75 -13.29
N GLN A 146 -26.23 -29.06 -14.20
CA GLN A 146 -25.60 -28.38 -15.34
C GLN A 146 -26.06 -26.92 -15.45
N ASN A 147 -25.11 -26.00 -15.44
CA ASN A 147 -25.43 -24.57 -15.41
C ASN A 147 -24.62 -23.75 -16.41
N ILE A 148 -25.29 -22.84 -17.12
CA ILE A 148 -24.54 -21.79 -17.81
C ILE A 148 -24.97 -20.46 -17.24
N ILE A 149 -23.96 -19.70 -16.85
CA ILE A 149 -24.14 -18.33 -16.37
C ILE A 149 -23.48 -17.35 -17.32
N VAL A 150 -24.29 -16.45 -17.88
CA VAL A 150 -23.73 -15.42 -18.76
C VAL A 150 -23.55 -14.11 -18.00
N LEU A 151 -22.33 -13.57 -18.08
CA LEU A 151 -22.09 -12.24 -17.58
C LEU A 151 -21.77 -11.34 -18.78
N HIS A 152 -22.60 -10.32 -18.99
CA HIS A 152 -22.46 -9.37 -20.09
C HIS A 152 -21.87 -8.06 -19.54
N LEU A 153 -20.62 -7.79 -19.89
CA LEU A 153 -19.87 -6.64 -19.40
C LEU A 153 -20.19 -5.31 -20.10
N GLN A 154 -20.02 -4.22 -19.37
CA GLN A 154 -19.88 -2.91 -19.97
C GLN A 154 -18.45 -2.80 -20.52
N GLY A 155 -17.52 -3.50 -19.86
CA GLY A 155 -16.17 -3.69 -20.36
C GLY A 155 -15.45 -2.38 -20.67
N SER A 156 -15.14 -2.17 -21.94
CA SER A 156 -14.42 -1.00 -22.41
C SER A 156 -15.29 0.00 -23.17
N HIS A 157 -16.60 0.02 -22.94
CA HIS A 157 -17.50 0.88 -23.70
C HIS A 157 -16.98 2.32 -23.73
N GLY A 158 -16.95 2.93 -24.91
CA GLY A 158 -16.49 4.29 -25.07
C GLY A 158 -17.64 5.20 -25.46
N PRO A 159 -17.38 6.51 -25.59
CA PRO A 159 -16.11 7.23 -25.45
C PRO A 159 -15.64 7.56 -24.02
N THR A 160 -16.50 7.35 -23.01
CA THR A 160 -16.13 7.62 -21.62
C THR A 160 -15.39 6.45 -20.98
N TYR A 161 -14.27 6.02 -21.59
CA TYR A 161 -13.48 4.91 -21.10
C TYR A 161 -13.08 5.01 -19.64
N TYR A 162 -12.71 6.21 -19.21
CA TYR A 162 -12.17 6.45 -17.87
C TYR A 162 -13.21 6.14 -16.79
N LYS A 163 -14.47 5.99 -17.19
CA LYS A 163 -15.52 5.71 -16.23
C LYS A 163 -15.73 4.21 -16.02
N ARG A 164 -14.99 3.38 -16.73
CA ARG A 164 -15.27 1.93 -16.73
C ARG A 164 -14.59 1.23 -15.55
N TYR A 165 -13.57 1.87 -14.98
CA TYR A 165 -12.80 1.22 -13.91
C TYR A 165 -12.69 2.13 -12.69
N PRO A 166 -12.61 1.51 -11.50
CA PRO A 166 -12.39 2.26 -10.25
C PRO A 166 -10.93 2.72 -10.14
N SER A 167 -10.67 3.69 -9.25
CA SER A 167 -9.34 4.31 -9.13
C SER A 167 -8.26 3.27 -8.87
N GLU A 168 -8.65 2.17 -8.23
CA GLU A 168 -7.68 1.14 -7.87
C GLU A 168 -7.07 0.48 -9.11
N PHE A 169 -7.66 0.69 -10.29
CA PHE A 169 -7.13 0.09 -11.52
C PHE A 169 -6.72 1.15 -12.55
N LYS A 170 -6.56 2.38 -12.10
CA LYS A 170 -5.95 3.44 -12.89
C LYS A 170 -4.45 3.23 -12.83
N LYS A 171 -3.98 2.12 -13.39
CA LYS A 171 -2.60 1.70 -13.22
C LYS A 171 -1.68 2.28 -14.28
N PHE A 172 -2.24 2.59 -15.45
CA PHE A 172 -1.46 3.15 -16.56
C PHE A 172 -1.75 4.65 -16.74
N THR A 173 -0.70 5.48 -16.65
CA THR A 173 -0.85 6.94 -16.63
C THR A 173 0.18 7.66 -17.51
N PRO A 174 -0.14 8.86 -18.01
CA PRO A 174 -1.36 9.66 -17.78
C PRO A 174 -2.58 9.08 -18.51
N THR A 175 -3.78 9.58 -18.20
CA THR A 175 -5.01 9.10 -18.77
C THR A 175 -5.82 10.19 -19.48
N CYS A 176 -6.86 9.77 -20.19
CA CYS A 176 -7.72 10.67 -20.94
C CYS A 176 -9.09 10.66 -20.27
N ASP A 177 -9.35 11.63 -19.39
CA ASP A 177 -10.55 11.60 -18.55
C ASP A 177 -11.62 12.50 -19.16
N THR A 178 -11.95 12.23 -20.42
CA THR A 178 -12.97 12.97 -21.12
C THR A 178 -13.57 12.08 -22.19
N ASN A 179 -14.76 12.42 -22.69
CA ASN A 179 -15.33 11.73 -23.84
C ASN A 179 -14.85 12.40 -25.17
N GLU A 180 -14.22 13.55 -25.04
CA GLU A 180 -13.72 14.37 -26.15
C GLU A 180 -12.33 13.87 -26.56
N LEU A 181 -12.34 12.69 -27.15
CA LEU A 181 -11.14 11.89 -27.34
C LEU A 181 -10.07 12.52 -28.19
N SER A 182 -10.45 13.31 -29.18
CA SER A 182 -9.38 13.81 -30.05
C SER A 182 -8.54 14.89 -29.35
N LYS A 183 -9.03 15.45 -28.25
CA LYS A 183 -8.24 16.45 -27.51
C LYS A 183 -7.07 15.82 -26.75
N CYS A 184 -7.17 14.54 -26.42
CA CYS A 184 -6.17 13.85 -25.61
C CYS A 184 -4.93 13.47 -26.43
N ASP A 185 -3.76 13.49 -25.79
CA ASP A 185 -2.60 12.82 -26.36
C ASP A 185 -2.96 11.36 -26.57
N SER A 186 -2.44 10.77 -27.64
CA SER A 186 -2.89 9.42 -27.98
C SER A 186 -2.37 8.40 -26.96
N GLU A 187 -1.17 8.60 -26.43
CA GLU A 187 -0.67 7.68 -25.40
C GLU A 187 -1.57 7.66 -24.17
N ALA A 188 -2.10 8.82 -23.80
CA ALA A 188 -2.97 8.92 -22.65
C ALA A 188 -4.28 8.21 -22.94
N LEU A 189 -4.72 8.30 -24.19
CA LEU A 189 -5.95 7.62 -24.58
C LEU A 189 -5.74 6.12 -24.49
N ILE A 190 -4.60 5.63 -25.00
CA ILE A 190 -4.30 4.21 -24.96
C ILE A 190 -4.23 3.71 -23.53
N ASN A 191 -3.59 4.49 -22.65
CA ASN A 191 -3.48 4.11 -21.25
C ASN A 191 -4.86 3.89 -20.66
N THR A 192 -5.77 4.83 -20.92
CA THR A 192 -7.12 4.75 -20.40
C THR A 192 -7.82 3.49 -20.90
N TYR A 193 -7.62 3.20 -22.17
CA TYR A 193 -8.23 2.04 -22.81
C TYR A 193 -7.69 0.76 -22.18
N ASP A 194 -6.38 0.74 -21.94
CA ASP A 194 -5.70 -0.41 -21.36
C ASP A 194 -6.10 -0.66 -19.89
N ASN A 195 -6.34 0.41 -19.16
CA ASN A 195 -6.86 0.29 -17.81
C ASN A 195 -8.18 -0.45 -17.80
N THR A 196 -9.05 -0.17 -18.76
CA THR A 196 -10.34 -0.85 -18.83
C THR A 196 -10.14 -2.34 -19.08
N LEU A 197 -9.11 -2.68 -19.84
CA LEU A 197 -8.79 -4.07 -20.12
C LEU A 197 -8.27 -4.77 -18.86
N LEU A 198 -7.43 -4.05 -18.11
CA LEU A 198 -6.86 -4.52 -16.84
C LEU A 198 -7.97 -4.83 -15.85
N TYR A 199 -8.92 -3.91 -15.74
CA TYR A 199 -10.03 -4.11 -14.83
C TYR A 199 -10.85 -5.33 -15.24
N THR A 200 -11.12 -5.46 -16.52
CA THR A 200 -11.79 -6.65 -17.04
C THR A 200 -10.94 -7.89 -16.77
N ASP A 201 -9.63 -7.79 -16.95
CA ASP A 201 -8.77 -8.93 -16.67
C ASP A 201 -8.88 -9.38 -15.20
N TYR A 202 -8.83 -8.43 -14.27
CA TYR A 202 -8.96 -8.71 -12.85
C TYR A 202 -10.26 -9.42 -12.52
N LEU A 203 -11.35 -8.91 -13.08
CA LEU A 203 -12.66 -9.49 -12.85
C LEU A 203 -12.73 -10.92 -13.37
N LEU A 204 -12.02 -11.19 -14.46
CA LEU A 204 -11.93 -12.56 -14.94
C LEU A 204 -11.27 -13.45 -13.90
N SER A 205 -10.14 -13.01 -13.35
CA SER A 205 -9.44 -13.88 -12.40
C SER A 205 -10.24 -14.00 -11.09
N GLU A 206 -11.02 -12.99 -10.74
CA GLU A 206 -11.95 -13.10 -9.61
C GLU A 206 -13.03 -14.13 -9.87
N ILE A 207 -13.44 -14.25 -11.13
CA ILE A 207 -14.40 -15.26 -11.52
C ILE A 207 -13.77 -16.65 -11.38
N ILE A 208 -12.55 -16.80 -11.91
CA ILE A 208 -11.78 -18.02 -11.76
C ILE A 208 -11.61 -18.36 -10.28
N LYS A 209 -11.35 -17.32 -9.49
CA LYS A 209 -11.10 -17.43 -8.04
C LYS A 209 -12.32 -17.97 -7.30
N LEU A 210 -13.50 -17.63 -7.79
CA LEU A 210 -14.73 -18.13 -7.22
C LEU A 210 -15.00 -19.54 -7.75
N LEU A 211 -14.45 -19.82 -8.94
CA LEU A 211 -14.65 -21.12 -9.58
C LEU A 211 -13.84 -22.22 -8.91
N LYS A 212 -12.71 -21.85 -8.30
CA LYS A 212 -11.89 -22.83 -7.61
C LYS A 212 -12.52 -23.23 -6.27
N GLU A 213 -13.42 -22.40 -5.75
CA GLU A 213 -14.11 -22.75 -4.53
C GLU A 213 -15.29 -23.64 -4.84
N GLN A 214 -15.53 -23.87 -6.13
CA GLN A 214 -16.64 -24.73 -6.54
C GLN A 214 -16.22 -26.05 -7.21
N LYS A 215 -15.48 -26.90 -6.49
CA LYS A 215 -14.93 -28.11 -7.12
C LYS A 215 -15.84 -29.32 -6.99
N SER A 216 -17.04 -29.09 -6.48
CA SER A 216 -18.06 -30.12 -6.52
C SER A 216 -18.47 -30.27 -8.00
N TYR A 217 -18.04 -29.30 -8.80
CA TYR A 217 -18.36 -29.16 -10.22
C TYR A 217 -17.14 -29.14 -11.16
N GLU A 218 -17.40 -29.45 -12.43
CA GLU A 218 -16.43 -29.19 -13.47
C GLU A 218 -16.74 -27.79 -14.02
N SER A 219 -15.79 -26.86 -13.83
CA SER A 219 -16.06 -25.46 -14.09
C SER A 219 -15.21 -24.93 -15.24
N SER A 220 -15.84 -24.12 -16.08
CA SER A 220 -15.12 -23.45 -17.15
C SER A 220 -15.51 -21.97 -17.25
N LEU A 221 -14.51 -21.15 -17.60
CA LEU A 221 -14.74 -19.76 -17.98
C LEU A 221 -14.42 -19.56 -19.46
N PHE A 222 -15.37 -18.99 -20.20
CA PHE A 222 -15.09 -18.55 -21.55
C PHE A 222 -15.46 -17.09 -21.69
N TYR A 223 -14.46 -16.29 -22.09
CA TYR A 223 -14.60 -14.85 -22.27
C TYR A 223 -14.27 -14.43 -23.70
N LEU A 224 -15.15 -13.66 -24.32
CA LEU A 224 -14.83 -13.03 -25.61
C LEU A 224 -15.50 -11.66 -25.72
N SER A 225 -14.92 -10.80 -26.54
CA SER A 225 -15.48 -9.48 -26.74
C SER A 225 -16.48 -9.51 -27.87
N ASP A 226 -17.41 -8.55 -27.89
CA ASP A 226 -18.34 -8.42 -29.00
C ASP A 226 -17.65 -7.87 -30.26
N HIS A 227 -16.67 -6.98 -30.10
CA HIS A 227 -15.91 -6.39 -31.23
C HIS A 227 -14.72 -5.56 -30.71
N GLY A 228 -13.92 -5.03 -31.63
CA GLY A 228 -12.78 -4.23 -31.23
C GLY A 228 -13.13 -2.77 -31.09
N GLU A 229 -12.14 -1.92 -31.29
CA GLU A 229 -12.30 -0.47 -31.13
C GLU A 229 -11.16 0.26 -31.82
N SER A 230 -11.46 1.39 -32.44
CA SER A 230 -10.42 2.28 -32.97
C SER A 230 -10.08 3.39 -31.97
N LEU A 231 -8.82 3.80 -31.91
CA LEU A 231 -8.36 4.78 -30.94
C LEU A 231 -7.61 5.94 -31.61
N GLY A 232 -8.11 6.41 -32.75
CA GLY A 232 -7.52 7.54 -33.45
C GLY A 232 -6.57 7.16 -34.57
N GLU A 233 -6.18 5.90 -34.63
CA GLU A 233 -5.34 5.47 -35.74
C GLU A 233 -6.05 5.79 -37.06
N ASN A 234 -5.34 6.49 -37.95
CA ASN A 234 -5.88 6.87 -39.24
C ASN A 234 -7.16 7.71 -39.10
N GLY A 235 -7.29 8.40 -37.97
CA GLY A 235 -8.44 9.27 -37.74
C GLY A 235 -9.73 8.55 -37.36
N ILE A 236 -9.67 7.24 -37.16
CA ILE A 236 -10.89 6.53 -36.83
C ILE A 236 -11.05 6.40 -35.33
N TYR A 237 -12.23 6.74 -34.82
CA TYR A 237 -12.59 6.49 -33.42
C TYR A 237 -13.77 5.55 -33.29
N LEU A 238 -13.91 4.99 -32.08
CA LEU A 238 -15.04 4.14 -31.71
C LEU A 238 -15.09 2.90 -32.64
N HIS A 239 -16.28 2.47 -33.01
CA HIS A 239 -16.34 1.27 -33.84
C HIS A 239 -17.45 1.35 -34.85
N GLY A 240 -17.97 0.20 -35.23
CA GLY A 240 -19.09 0.15 -36.15
C GLY A 240 -18.79 0.47 -37.61
N MET A 241 -17.52 0.48 -37.99
CA MET A 241 -17.16 0.68 -39.41
C MET A 241 -17.60 -0.56 -40.22
N PRO A 242 -18.13 -0.38 -41.45
CA PRO A 242 -18.58 -1.59 -42.19
C PRO A 242 -17.50 -2.68 -42.23
N TYR A 243 -17.91 -3.91 -41.91
CA TYR A 243 -16.97 -4.98 -41.65
C TYR A 243 -15.91 -5.15 -42.70
N ALA A 244 -16.33 -5.11 -43.98
CA ALA A 244 -15.44 -5.42 -45.09
C ALA A 244 -14.30 -4.38 -45.21
N ILE A 245 -14.50 -3.15 -44.75
CA ILE A 245 -13.42 -2.20 -44.87
C ILE A 245 -12.81 -1.90 -43.52
N ALA A 246 -13.32 -2.54 -42.46
CA ALA A 246 -12.89 -2.21 -41.11
C ALA A 246 -11.45 -2.63 -40.85
N PRO A 247 -10.70 -1.84 -40.07
CA PRO A 247 -9.37 -2.27 -39.64
C PRO A 247 -9.46 -3.45 -38.66
N SER A 248 -8.40 -4.25 -38.57
CA SER A 248 -8.42 -5.39 -37.66
C SER A 248 -8.63 -4.95 -36.19
N TYR A 249 -8.32 -3.69 -35.87
CA TYR A 249 -8.59 -3.12 -34.55
C TYR A 249 -10.03 -3.32 -34.14
N GLN A 250 -10.95 -3.36 -35.12
CA GLN A 250 -12.38 -3.51 -34.81
C GLN A 250 -12.90 -4.94 -34.93
N THR A 251 -12.21 -5.82 -35.65
CA THR A 251 -12.68 -7.19 -35.86
C THR A 251 -11.89 -8.27 -35.09
N HIS A 252 -10.64 -7.95 -34.77
CA HIS A 252 -9.75 -8.88 -34.08
C HIS A 252 -9.90 -8.73 -32.56
N ILE A 253 -10.55 -9.73 -31.95
CA ILE A 253 -10.94 -9.67 -30.54
C ILE A 253 -10.19 -10.71 -29.71
N PRO A 254 -10.13 -10.49 -28.38
CA PRO A 254 -9.60 -11.50 -27.49
C PRO A 254 -10.61 -12.61 -27.23
N ALA A 255 -10.09 -13.82 -27.05
CA ALA A 255 -10.89 -14.89 -26.50
C ALA A 255 -10.01 -15.62 -25.49
N ILE A 256 -10.58 -15.87 -24.32
CA ILE A 256 -9.87 -16.46 -23.19
C ILE A 256 -10.65 -17.64 -22.60
N PHE A 257 -9.97 -18.77 -22.41
CA PHE A 257 -10.61 -19.94 -21.79
C PHE A 257 -9.87 -20.43 -20.56
N TRP A 258 -10.64 -20.82 -19.56
CA TRP A 258 -10.08 -21.47 -18.39
C TRP A 258 -11.01 -22.58 -17.91
N SER A 259 -10.42 -23.65 -17.41
CA SER A 259 -11.19 -24.74 -16.82
C SER A 259 -10.37 -25.41 -15.75
N ASN A 260 -11.05 -26.00 -14.77
CA ASN A 260 -10.38 -26.82 -13.77
C ASN A 260 -10.18 -28.24 -14.28
N ASP A 261 -11.01 -28.60 -15.27
CA ASP A 261 -10.81 -29.81 -16.05
C ASP A 261 -9.68 -29.54 -17.02
N GLU A 262 -8.49 -30.04 -16.73
CA GLU A 262 -7.35 -29.66 -17.55
C GLU A 262 -7.22 -30.49 -18.80
N LYS A 263 -8.29 -31.15 -19.21
CA LYS A 263 -8.26 -31.84 -20.48
C LYS A 263 -8.87 -30.90 -21.52
N LEU A 264 -9.86 -30.13 -21.05
CA LEU A 264 -10.41 -29.03 -21.81
C LEU A 264 -9.35 -27.95 -21.94
N MET A 265 -8.68 -27.69 -20.83
CA MET A 265 -7.61 -26.73 -20.79
C MET A 265 -6.54 -27.02 -21.83
N ASN A 266 -6.29 -28.29 -22.09
CA ASN A 266 -5.24 -28.62 -23.05
C ASN A 266 -5.80 -28.78 -24.47
N LEU A 267 -7.10 -29.08 -24.61
CA LEU A 267 -7.70 -29.00 -25.93
C LEU A 267 -7.72 -27.54 -26.39
N ALA A 268 -8.09 -26.66 -25.46
CA ALA A 268 -8.09 -25.23 -25.72
C ALA A 268 -6.70 -24.74 -26.15
N LYS A 269 -5.68 -25.18 -25.41
CA LYS A 269 -4.30 -24.76 -25.66
C LYS A 269 -3.83 -25.18 -27.05
N GLU A 270 -4.35 -26.32 -27.51
CA GLU A 270 -3.97 -26.86 -28.81
C GLU A 270 -4.59 -26.09 -29.97
N HIS A 271 -5.72 -25.45 -29.71
CA HIS A 271 -6.44 -24.74 -30.76
C HIS A 271 -6.15 -23.24 -30.85
N LYS A 272 -5.48 -22.70 -29.82
CA LYS A 272 -5.45 -21.25 -29.61
C LYS A 272 -4.96 -20.42 -30.82
N GLY A 273 -4.11 -20.99 -31.66
CA GLY A 273 -3.54 -20.22 -32.77
C GLY A 273 -4.31 -20.32 -34.07
N LEU A 274 -5.40 -21.07 -34.05
CA LEU A 274 -6.23 -21.31 -35.25
C LEU A 274 -7.13 -20.14 -35.58
N LYS A 275 -7.33 -19.87 -36.88
CA LYS A 275 -8.28 -18.84 -37.31
C LYS A 275 -9.71 -19.23 -36.90
N LEU A 276 -10.13 -18.69 -35.76
CA LEU A 276 -11.47 -18.94 -35.23
C LEU A 276 -12.21 -17.61 -35.13
N SER A 277 -13.43 -17.65 -34.58
CA SER A 277 -14.30 -16.47 -34.59
C SER A 277 -15.56 -16.67 -33.76
N GLN A 278 -16.40 -15.66 -33.71
CA GLN A 278 -17.67 -15.77 -33.02
C GLN A 278 -18.57 -16.84 -33.65
N ASP A 279 -18.30 -17.16 -34.91
CA ASP A 279 -19.00 -18.27 -35.58
C ASP A 279 -18.97 -19.55 -34.73
N ASN A 280 -17.85 -19.78 -34.06
CA ASN A 280 -17.60 -20.93 -33.23
C ASN A 280 -18.40 -21.00 -31.93
N LEU A 281 -19.11 -19.93 -31.55
CA LEU A 281 -19.68 -19.92 -30.20
C LEU A 281 -20.87 -20.86 -30.13
N PHE A 282 -21.60 -20.95 -31.24
CA PHE A 282 -22.82 -21.75 -31.25
C PHE A 282 -22.55 -23.22 -30.92
N SER A 283 -21.67 -23.88 -31.68
CA SER A 283 -21.43 -25.30 -31.47
C SER A 283 -20.66 -25.52 -30.18
N THR A 284 -19.82 -24.56 -29.80
CA THR A 284 -19.05 -24.67 -28.56
C THR A 284 -19.98 -24.72 -27.36
N LEU A 285 -21.08 -23.97 -27.44
CA LEU A 285 -22.05 -23.90 -26.34
C LEU A 285 -22.96 -25.14 -26.30
N LEU A 286 -23.34 -25.66 -27.45
CA LEU A 286 -24.12 -26.89 -27.49
C LEU A 286 -23.21 -28.02 -27.01
N GLY A 287 -22.04 -28.13 -27.63
CA GLY A 287 -21.09 -29.17 -27.31
C GLY A 287 -20.72 -29.27 -25.84
N TYR A 288 -20.75 -28.15 -25.14
CA TYR A 288 -20.28 -28.13 -23.77
C TYR A 288 -21.24 -28.87 -22.86
N PHE A 289 -22.53 -28.79 -23.16
CA PHE A 289 -23.52 -29.47 -22.33
C PHE A 289 -24.00 -30.75 -23.04
N ASN A 290 -23.18 -31.23 -23.99
CA ASN A 290 -23.44 -32.45 -24.74
C ASN A 290 -24.82 -32.50 -25.40
N VAL A 291 -25.26 -31.39 -25.99
CA VAL A 291 -26.56 -31.39 -26.65
C VAL A 291 -26.49 -32.19 -27.95
N LYS A 292 -27.37 -33.18 -28.07
CA LYS A 292 -27.39 -34.02 -29.27
C LYS A 292 -28.38 -33.42 -30.25
N THR A 293 -27.88 -33.07 -31.43
CA THR A 293 -28.68 -32.44 -32.46
C THR A 293 -27.89 -32.37 -33.76
N SER A 294 -28.58 -32.32 -34.89
CA SER A 294 -27.94 -32.30 -36.19
C SER A 294 -27.32 -30.93 -36.52
N VAL A 295 -27.77 -29.88 -35.85
CA VAL A 295 -27.23 -28.55 -36.13
C VAL A 295 -25.89 -28.35 -35.41
N TYR A 296 -25.57 -29.27 -34.52
CA TYR A 296 -24.26 -29.27 -33.86
C TYR A 296 -23.16 -29.64 -34.88
N GLU A 297 -22.18 -28.76 -35.03
CA GLU A 297 -21.08 -29.03 -35.96
C GLU A 297 -19.81 -29.21 -35.16
N PRO A 298 -19.36 -30.46 -35.05
CA PRO A 298 -18.21 -30.81 -34.20
C PRO A 298 -16.94 -30.12 -34.63
N GLU A 299 -16.92 -29.66 -35.87
CA GLU A 299 -15.72 -29.04 -36.41
C GLU A 299 -15.74 -27.54 -36.17
N TYR A 300 -16.61 -27.12 -35.25
CA TYR A 300 -16.71 -25.74 -34.82
C TYR A 300 -16.73 -25.60 -33.29
N ASP A 301 -16.70 -26.73 -32.58
CA ASP A 301 -16.65 -26.75 -31.12
C ASP A 301 -15.19 -26.58 -30.67
N LEU A 302 -14.90 -25.48 -29.97
CA LEU A 302 -13.53 -25.18 -29.56
C LEU A 302 -12.95 -26.25 -28.64
N LEU A 303 -13.81 -26.89 -27.85
CA LEU A 303 -13.38 -27.92 -26.92
C LEU A 303 -13.65 -29.36 -27.44
N ASN A 304 -13.45 -29.57 -28.74
CA ASN A 304 -13.68 -30.86 -29.38
C ASN A 304 -12.56 -31.13 -30.38
N PRO A 305 -11.96 -32.33 -30.28
CA PRO A 305 -10.76 -32.66 -31.06
C PRO A 305 -10.93 -32.54 -32.58
N LYS A 306 -12.16 -32.65 -33.07
CA LYS A 306 -12.40 -32.58 -34.52
C LYS A 306 -12.48 -31.14 -35.06
N LEU A 307 -12.33 -30.16 -34.17
CA LEU A 307 -12.35 -28.74 -34.52
C LEU A 307 -11.29 -28.42 -35.58
N LYS A 308 -11.73 -27.72 -36.62
CA LYS A 308 -10.80 -27.14 -37.59
C LYS A 308 -11.02 -25.63 -37.60
N ALA A 309 -10.13 -24.93 -38.30
CA ALA A 309 -10.22 -23.49 -38.46
C ALA A 309 -11.37 -23.10 -39.40
N ASN A 310 -11.71 -21.81 -39.38
CA ASN A 310 -12.70 -21.28 -40.31
C ASN A 310 -12.18 -21.24 -41.73
N PRO A 311 -13.04 -21.52 -42.71
CA PRO A 311 -12.72 -21.36 -44.13
C PRO A 311 -12.30 -19.94 -44.48
N MET B 1 25.72 49.99 20.33
CA MET B 1 26.48 50.28 19.12
C MET B 1 26.42 49.08 18.17
N PHE B 2 26.48 49.36 16.87
CA PHE B 2 26.51 48.32 15.85
C PHE B 2 27.91 47.73 15.75
N LYS B 3 28.02 46.52 16.29
CA LYS B 3 29.27 45.77 16.38
C LYS B 3 29.66 45.08 15.07
N THR B 4 30.94 45.11 14.70
CA THR B 4 31.40 44.40 13.50
C THR B 4 31.95 43.02 13.82
N ILE B 5 31.89 42.11 12.85
CA ILE B 5 32.40 40.76 13.04
C ILE B 5 33.26 40.35 11.85
N ALA B 6 34.01 39.26 12.01
CA ALA B 6 34.87 38.70 10.96
C ALA B 6 35.68 39.76 10.21
N ASN B 7 36.47 40.52 10.96
CA ASN B 7 37.24 41.64 10.41
C ASN B 7 38.44 41.18 9.58
N ASP B 8 38.86 39.94 9.83
CA ASP B 8 40.00 39.33 9.17
C ASP B 8 39.62 38.55 7.92
N ALA B 9 38.48 38.90 7.35
CA ALA B 9 37.92 38.15 6.23
C ALA B 9 38.23 38.79 4.87
N TYR B 10 38.34 37.96 3.83
CA TYR B 10 38.67 38.41 2.47
C TYR B 10 38.37 37.36 1.39
N HIS B 15 38.10 34.75 -10.08
CA HIS B 15 37.96 33.42 -9.51
C HIS B 15 36.89 32.59 -10.26
N THR B 16 36.66 31.36 -9.78
CA THR B 16 35.60 30.50 -10.30
C THR B 16 34.23 31.20 -10.28
N LYS B 17 33.38 30.88 -11.27
CA LYS B 17 32.07 31.51 -11.36
C LYS B 17 30.95 30.75 -10.66
N LYS B 18 30.34 31.42 -9.68
CA LYS B 18 29.44 30.79 -8.72
C LYS B 18 28.12 31.54 -8.62
N LEU B 19 27.03 30.80 -8.46
CA LEU B 19 25.70 31.40 -8.25
C LEU B 19 24.94 30.63 -7.18
N LEU B 20 24.67 31.30 -6.06
CA LEU B 20 23.85 30.72 -5.00
C LEU B 20 22.50 31.41 -4.83
N VAL B 21 21.43 30.62 -4.91
CA VAL B 21 20.12 31.14 -4.59
C VAL B 21 19.64 30.55 -3.27
N LEU B 22 19.55 31.43 -2.28
CA LEU B 22 19.09 31.07 -0.95
C LEU B 22 17.62 31.45 -0.82
N VAL B 23 16.79 30.44 -0.64
CA VAL B 23 15.36 30.66 -0.46
C VAL B 23 15.03 30.47 1.01
N VAL B 24 14.73 31.58 1.68
CA VAL B 24 14.32 31.57 3.08
C VAL B 24 12.81 31.41 3.11
N GLY B 25 12.35 30.23 3.52
CA GLY B 25 10.93 29.98 3.57
C GLY B 25 10.27 30.52 4.85
N GLU B 26 9.03 30.10 5.05
CA GLU B 26 8.19 30.65 6.09
C GLU B 26 7.14 29.60 6.49
N THR B 27 7.18 29.22 7.77
CA THR B 27 6.12 28.43 8.43
C THR B 27 6.04 26.96 7.95
N ALA B 28 6.82 26.63 6.92
CA ALA B 28 6.90 25.28 6.38
C ALA B 28 7.58 24.35 7.38
N ARG B 29 7.00 23.18 7.61
CA ARG B 29 7.55 22.24 8.59
C ARG B 29 7.89 20.90 7.92
N ALA B 30 8.90 20.22 8.44
CA ALA B 30 9.42 19.01 7.82
C ALA B 30 8.42 17.87 7.68
N ALA B 31 7.61 17.64 8.71
CA ALA B 31 6.71 16.48 8.74
C ALA B 31 5.77 16.37 7.53
N ASN B 32 5.60 17.47 6.78
CA ASN B 32 4.63 17.44 5.69
C ASN B 32 5.33 17.50 4.32
N TYR B 33 6.61 17.15 4.29
CA TYR B 33 7.35 17.05 3.02
C TYR B 33 7.41 15.58 2.53
N SER B 34 6.83 15.28 1.37
CA SER B 34 6.80 13.89 0.87
C SER B 34 8.20 13.40 0.57
N LEU B 35 9.13 14.33 0.30
CA LEU B 35 10.56 14.04 0.23
C LEU B 35 11.12 13.37 1.51
N GLY B 36 10.43 13.51 2.64
CA GLY B 36 10.90 12.96 3.90
C GLY B 36 10.03 11.82 4.39
N GLY B 37 9.11 11.39 3.53
CA GLY B 37 8.24 10.28 3.84
C GLY B 37 6.82 10.62 4.26
N TYR B 38 6.42 11.88 4.10
CA TYR B 38 5.02 12.25 4.29
C TYR B 38 4.23 11.62 3.15
N THR B 39 3.13 10.95 3.45
CA THR B 39 2.44 10.20 2.39
C THR B 39 1.04 10.71 2.10
N LYS B 40 0.49 11.54 2.99
CA LYS B 40 -0.88 11.99 2.83
C LYS B 40 -1.09 12.73 1.50
N ASN B 41 -0.31 13.79 1.29
CA ASN B 41 -0.28 14.55 0.02
C ASN B 41 1.14 14.68 -0.49
N ASP B 42 1.32 14.50 -1.79
CA ASP B 42 2.64 14.54 -2.41
C ASP B 42 3.06 16.01 -2.56
N THR B 43 3.53 16.60 -1.45
CA THR B 43 3.85 18.02 -1.40
C THR B 43 5.07 18.41 -2.24
N ASN B 44 5.97 17.47 -2.48
CA ASN B 44 7.19 17.79 -3.25
C ASN B 44 7.22 17.18 -4.67
N PHE B 45 6.04 17.11 -5.29
CA PHE B 45 5.83 16.55 -6.63
C PHE B 45 6.86 17.08 -7.64
N TYR B 46 7.23 18.35 -7.52
CA TYR B 46 8.11 18.98 -8.51
C TYR B 46 9.60 18.76 -8.26
N THR B 47 10.05 18.99 -7.04
CA THR B 47 11.48 18.90 -6.74
C THR B 47 11.97 17.47 -6.72
N LYS B 48 11.04 16.52 -6.62
CA LYS B 48 11.36 15.10 -6.71
C LYS B 48 11.94 14.83 -8.11
N LYS B 49 11.42 15.53 -9.11
CA LYS B 49 11.84 15.32 -10.49
C LYS B 49 13.24 15.90 -10.79
N ASP B 50 13.76 16.72 -9.90
CA ASP B 50 15.11 17.28 -10.06
C ASP B 50 16.10 16.61 -9.09
N ASN B 51 15.63 15.54 -8.44
CA ASN B 51 16.43 14.77 -7.47
C ASN B 51 17.16 15.60 -6.43
N VAL B 52 16.51 16.67 -5.97
CA VAL B 52 17.08 17.54 -4.96
C VAL B 52 17.40 16.75 -3.70
N VAL B 53 18.35 17.24 -2.91
CA VAL B 53 18.64 16.61 -1.63
C VAL B 53 17.80 17.21 -0.50
N PHE B 54 17.20 16.34 0.31
CA PHE B 54 16.36 16.77 1.43
C PHE B 54 17.03 16.43 2.77
N PHE B 55 17.33 17.44 3.57
CA PHE B 55 17.86 17.20 4.90
C PHE B 55 16.70 16.84 5.84
N ASP B 56 16.69 15.61 6.34
CA ASP B 56 15.53 15.08 7.07
C ASP B 56 15.65 15.20 8.59
N ASN B 57 16.74 15.78 9.07
CA ASN B 57 16.94 15.92 10.50
C ASN B 57 17.44 17.33 10.83
N PHE B 58 16.75 18.32 10.26
CA PHE B 58 17.14 19.75 10.31
C PHE B 58 16.28 20.60 11.24
N SER B 59 16.92 21.38 12.12
CA SER B 59 16.22 22.19 13.13
C SER B 59 16.36 23.70 12.95
N SER B 60 15.43 24.43 13.55
CA SER B 60 15.44 25.86 13.44
C SER B 60 16.01 26.48 14.72
N CYS B 61 16.37 27.76 14.68
CA CYS B 61 16.96 28.42 15.84
C CYS B 61 15.88 28.86 16.83
N GLY B 62 14.71 29.18 16.29
CA GLY B 62 13.60 29.61 17.12
C GLY B 62 12.27 29.12 16.53
N THR B 63 11.17 29.54 17.15
CA THR B 63 9.87 29.12 16.68
C THR B 63 9.05 30.28 16.17
N ALA B 64 9.68 31.44 16.04
CA ALA B 64 9.03 32.60 15.45
C ALA B 64 10.06 33.38 14.65
N ALA B 66 10.93 36.46 14.30
CA ALA B 66 11.73 37.50 14.94
C ALA B 66 13.02 36.96 15.55
N VAL B 67 13.01 35.69 15.96
CA VAL B 67 14.23 35.04 16.47
C VAL B 67 14.96 34.29 15.36
N SER B 68 14.25 33.40 14.66
CA SER B 68 14.85 32.53 13.64
C SER B 68 15.61 33.29 12.56
N LEU B 69 14.99 34.32 12.02
CA LEU B 69 15.59 34.97 10.86
C LEU B 69 16.94 35.63 11.21
N PRO B 70 17.02 36.51 12.24
CA PRO B 70 18.35 37.06 12.57
C PRO B 70 19.31 35.98 13.04
N CYS B 71 18.82 35.05 13.84
CA CYS B 71 19.69 34.00 14.36
C CYS B 71 20.39 33.14 13.29
N MET B 72 19.67 32.75 12.24
CA MET B 72 20.27 31.83 11.26
C MET B 72 21.38 32.54 10.47
N PHE B 73 21.21 33.84 10.28
CA PHE B 73 22.17 34.66 9.53
C PHE B 73 23.27 35.22 10.42
N SER B 74 23.09 35.13 11.73
CA SER B 74 24.10 35.61 12.66
C SER B 74 25.18 34.56 12.93
N ILE B 75 26.33 35.05 13.38
CA ILE B 75 27.45 34.21 13.80
C ILE B 75 27.04 33.38 15.00
N SER B 76 26.09 33.91 15.79
CA SER B 76 25.62 33.21 16.96
C SER B 76 24.89 31.93 16.57
N LYS B 77 25.07 30.89 17.38
CA LYS B 77 24.36 29.64 17.24
C LYS B 77 23.17 29.75 18.18
N ARG B 78 22.27 28.76 18.18
CA ARG B 78 21.03 28.90 18.95
C ARG B 78 21.28 29.06 20.45
N GLU B 79 22.31 28.39 20.97
CA GLU B 79 22.45 28.32 22.42
C GLU B 79 22.99 29.63 23.00
N ASN B 80 23.61 30.45 22.16
CA ASN B 80 24.10 31.72 22.63
C ASN B 80 23.56 32.91 21.83
N TYR B 81 22.62 32.67 20.91
CA TYR B 81 21.99 33.80 20.25
C TYR B 81 21.21 34.61 21.26
N SER B 82 21.32 35.94 21.14
CA SER B 82 20.49 36.82 21.93
C SER B 82 19.67 37.74 21.04
N SER B 83 18.44 38.02 21.44
CA SER B 83 17.60 38.86 20.60
C SER B 83 18.04 40.32 20.63
N SER B 84 18.89 40.67 21.59
CA SER B 84 19.28 42.06 21.78
C SER B 84 20.52 42.42 20.99
N GLU B 85 21.15 41.42 20.40
CA GLU B 85 22.39 41.64 19.68
C GLU B 85 22.14 42.50 18.46
N PHE B 86 23.12 43.35 18.18
CA PHE B 86 23.00 44.32 17.10
C PHE B 86 24.33 44.45 16.40
N GLN B 87 24.52 43.62 15.39
CA GLN B 87 25.83 43.42 14.81
C GLN B 87 25.74 42.90 13.39
N GLU B 88 26.89 42.81 12.72
CA GLU B 88 26.93 42.30 11.37
C GLU B 88 26.56 40.82 11.31
N ASN B 89 26.00 40.41 10.17
CA ASN B 89 25.61 39.03 9.98
C ASN B 89 26.34 38.41 8.81
N ALA B 90 26.02 37.14 8.52
CA ALA B 90 26.66 36.41 7.44
C ALA B 90 26.63 37.13 6.10
N MET B 91 25.53 37.79 5.78
CA MET B 91 25.42 38.47 4.50
C MET B 91 26.38 39.63 4.41
N ASP B 92 26.54 40.35 5.53
CA ASP B 92 27.45 41.48 5.60
C ASP B 92 28.89 41.02 5.36
N VAL B 93 29.24 39.87 5.92
CA VAL B 93 30.55 39.30 5.74
C VAL B 93 30.81 39.03 4.26
N LEU B 94 29.81 38.52 3.54
CA LEU B 94 29.96 38.33 2.11
C LEU B 94 30.04 39.68 1.36
N TYR B 95 29.30 40.68 1.83
CA TYR B 95 29.21 41.98 1.16
C TYR B 95 30.53 42.75 1.26
N LYS B 96 31.16 42.71 2.43
CA LYS B 96 32.39 43.41 2.66
C LYS B 96 33.52 42.77 1.86
N THR B 97 33.25 41.57 1.35
CA THR B 97 34.23 40.75 0.67
C THR B 97 33.94 40.83 -0.84
N GLY B 98 33.03 41.71 -1.22
CA GLY B 98 32.83 42.00 -2.64
C GLY B 98 31.85 41.13 -3.43
N VAL B 99 31.22 40.16 -2.77
CA VAL B 99 30.23 39.30 -3.42
C VAL B 99 29.01 40.10 -3.86
N ASP B 100 28.51 39.83 -5.05
CA ASP B 100 27.25 40.43 -5.48
C ASP B 100 26.08 39.79 -4.73
N ALA B 101 25.46 40.56 -3.83
CA ALA B 101 24.38 40.07 -2.98
C ALA B 101 23.09 40.81 -3.27
N ALA B 102 22.04 40.06 -3.59
CA ALA B 102 20.72 40.65 -3.80
C ALA B 102 19.73 40.04 -2.80
N TRP B 103 18.89 40.88 -2.19
CA TRP B 103 17.88 40.39 -1.26
C TRP B 103 16.48 40.82 -1.71
N PHE B 104 15.69 39.83 -2.14
CA PHE B 104 14.32 40.08 -2.60
C PHE B 104 13.31 39.48 -1.62
N ASP B 105 12.51 40.36 -1.02
CA ASP B 105 11.70 39.97 0.12
C ASP B 105 10.20 40.12 -0.17
N ASN B 106 9.48 38.99 -0.08
CA ASN B 106 8.02 39.00 -0.23
C ASN B 106 7.33 38.71 1.11
N ASN B 107 8.12 38.53 2.17
CA ASN B 107 7.59 38.19 3.47
C ASN B 107 7.00 39.40 4.18
N SER B 108 5.77 39.30 4.67
CA SER B 108 5.10 40.42 5.32
C SER B 108 5.84 40.91 6.56
N GLY B 109 6.75 40.11 7.10
CA GLY B 109 7.50 40.53 8.27
C GLY B 109 8.80 41.26 7.94
N GLY B 110 9.17 41.30 6.66
CA GLY B 110 10.40 41.95 6.26
C GLY B 110 11.61 41.10 6.55
N CYS B 111 12.80 41.70 6.47
CA CYS B 111 14.02 40.91 6.60
C CYS B 111 14.53 40.90 8.03
N LYS B 112 13.77 41.50 8.94
CA LYS B 112 14.18 41.61 10.34
C LYS B 112 15.64 42.16 10.48
N GLY B 113 15.97 43.16 9.69
CA GLY B 113 17.26 43.81 9.82
C GLY B 113 18.45 43.11 9.17
N VAL B 114 18.22 41.98 8.50
CA VAL B 114 19.31 41.21 7.94
C VAL B 114 19.87 41.85 6.65
N CYS B 115 18.98 42.42 5.84
CA CYS B 115 19.32 42.92 4.52
C CYS B 115 19.62 44.42 4.52
N ASP B 116 19.53 45.02 5.71
CA ASP B 116 19.57 46.46 5.85
C ASP B 116 20.80 47.14 5.24
N ARG B 117 21.94 46.45 5.30
CA ARG B 117 23.19 47.07 4.88
C ARG B 117 23.67 46.52 3.56
N LEU B 118 22.76 45.90 2.82
CA LEU B 118 23.01 45.42 1.47
C LEU B 118 22.57 46.51 0.51
N ALA B 119 23.17 46.55 -0.67
CA ALA B 119 22.87 47.59 -1.65
C ALA B 119 21.68 47.25 -2.54
N TYR B 120 21.64 46.02 -3.07
CA TYR B 120 20.59 45.66 -4.03
C TYR B 120 19.50 44.78 -3.35
N LYS B 121 18.49 45.45 -2.83
CA LYS B 121 17.39 44.82 -2.10
C LYS B 121 16.04 45.39 -2.53
N GLN B 122 15.02 44.52 -2.51
CA GLN B 122 13.65 44.95 -2.85
C GLN B 122 12.61 44.30 -1.93
N LYS B 123 11.61 45.10 -1.55
CA LYS B 123 10.51 44.59 -0.74
C LYS B 123 9.29 44.53 -1.64
N LEU B 124 8.67 43.35 -1.75
CA LEU B 124 7.49 43.19 -2.61
C LEU B 124 6.22 43.32 -1.75
N SER B 125 5.04 43.27 -2.36
CA SER B 125 3.79 43.58 -1.64
C SER B 125 3.22 42.42 -0.78
N SER B 126 3.94 41.29 -0.69
CA SER B 126 3.50 40.09 0.05
C SER B 126 2.23 39.42 -0.47
N ASP B 127 2.02 39.51 -1.78
CA ASP B 127 0.96 38.75 -2.43
C ASP B 127 1.61 37.47 -2.85
N LEU B 128 1.19 36.87 -3.96
CA LEU B 128 1.74 35.58 -4.38
C LEU B 128 3.27 35.54 -4.53
N ASP B 129 3.89 34.47 -4.01
CA ASP B 129 5.35 34.33 -4.03
C ASP B 129 5.98 34.28 -5.43
N GLU B 130 5.21 33.86 -6.44
CA GLU B 130 5.74 33.76 -7.80
C GLU B 130 6.26 35.13 -8.27
N ASN B 131 5.79 36.22 -7.67
CA ASN B 131 6.30 37.56 -7.98
C ASN B 131 7.78 37.72 -7.71
N LEU B 132 8.35 36.86 -6.87
CA LEU B 132 9.77 36.95 -6.58
C LEU B 132 10.60 36.58 -7.80
N LEU B 133 10.01 35.82 -8.72
CA LEU B 133 10.73 35.36 -9.90
C LEU B 133 11.04 36.52 -10.85
N ILE B 134 10.23 37.56 -10.77
CA ILE B 134 10.41 38.71 -11.64
C ILE B 134 11.73 39.44 -11.35
N PRO B 135 11.96 39.94 -10.11
CA PRO B 135 13.28 40.56 -9.94
C PRO B 135 14.39 39.49 -9.87
N PHE B 136 14.01 38.24 -9.66
CA PHE B 136 15.01 37.18 -9.72
C PHE B 136 15.50 37.00 -11.14
N LYS B 137 14.58 37.06 -12.10
CA LYS B 137 14.94 36.96 -13.52
C LYS B 137 15.75 38.17 -14.00
N GLU B 138 15.34 39.37 -13.62
CA GLU B 138 16.03 40.56 -14.10
C GLU B 138 17.45 40.62 -13.53
N LYS B 139 17.64 40.09 -12.33
CA LYS B 139 18.99 40.10 -11.75
C LYS B 139 19.87 39.04 -12.42
N LEU B 140 19.24 38.04 -13.04
CA LEU B 140 20.00 36.97 -13.68
C LEU B 140 20.72 37.50 -14.94
N ASN B 141 20.32 38.71 -15.34
CA ASN B 141 20.91 39.40 -16.47
C ASN B 141 22.22 40.07 -16.06
N HIS B 142 22.23 40.63 -14.85
CA HIS B 142 23.35 41.41 -14.33
C HIS B 142 24.19 40.63 -13.33
N LEU B 143 24.66 39.44 -13.70
CA LEU B 143 25.49 38.64 -12.80
C LEU B 143 26.96 39.12 -12.71
N SER B 144 27.64 38.73 -11.63
CA SER B 144 29.08 38.93 -11.47
C SER B 144 29.76 37.57 -11.50
N ASP B 145 30.96 37.50 -10.94
CA ASP B 145 31.69 36.23 -10.97
C ASP B 145 31.17 35.39 -9.81
N GLN B 146 30.83 36.06 -8.72
CA GLN B 146 30.21 35.39 -7.57
C GLN B 146 28.93 36.09 -7.10
N ASN B 147 27.85 35.31 -7.03
CA ASN B 147 26.55 35.87 -6.64
C ASN B 147 25.81 35.07 -5.59
N ILE B 148 25.24 35.78 -4.63
CA ILE B 148 24.21 35.23 -3.77
C ILE B 148 22.94 36.04 -3.96
N ILE B 149 21.86 35.34 -4.28
CA ILE B 149 20.53 35.93 -4.34
C ILE B 149 19.64 35.28 -3.27
N VAL B 150 19.16 36.11 -2.34
CA VAL B 150 18.27 35.65 -1.29
C VAL B 150 16.85 35.96 -1.71
N LEU B 151 15.98 34.93 -1.69
CA LEU B 151 14.54 35.11 -1.87
C LEU B 151 13.80 34.75 -0.58
N HIS B 152 13.10 35.73 -0.02
CA HIS B 152 12.38 35.52 1.25
C HIS B 152 10.90 35.37 0.95
N LEU B 153 10.40 34.16 1.17
CA LEU B 153 9.02 33.82 0.84
C LEU B 153 7.99 34.29 1.87
N GLN B 154 6.77 34.58 1.41
CA GLN B 154 5.63 34.62 2.31
C GLN B 154 5.27 33.16 2.71
N GLY B 155 5.53 32.23 1.80
CA GLY B 155 5.52 30.81 2.05
C GLY B 155 4.23 30.27 2.61
N SER B 156 4.29 29.69 3.81
CA SER B 156 3.11 29.06 4.40
C SER B 156 2.48 29.91 5.49
N HIS B 157 2.74 31.21 5.45
CA HIS B 157 2.30 32.08 6.55
C HIS B 157 0.82 31.91 6.85
N GLY B 158 0.51 31.72 8.14
CA GLY B 158 -0.86 31.54 8.59
C GLY B 158 -1.41 32.75 9.35
N PRO B 159 -2.67 32.68 9.76
CA PRO B 159 -3.57 31.53 9.63
C PRO B 159 -4.29 31.39 8.28
N THR B 160 -4.19 32.40 7.41
CA THR B 160 -4.88 32.39 6.12
C THR B 160 -4.09 31.66 5.04
N TYR B 161 -3.82 30.38 5.28
CA TYR B 161 -3.04 29.55 4.39
C TYR B 161 -3.58 29.57 2.97
N TYR B 162 -4.90 29.60 2.84
CA TYR B 162 -5.54 29.52 1.53
C TYR B 162 -5.18 30.70 0.62
N LYS B 163 -4.59 31.74 1.21
CA LYS B 163 -4.23 32.93 0.45
C LYS B 163 -2.81 32.87 -0.09
N ARG B 164 -2.07 31.82 0.24
CA ARG B 164 -0.68 31.74 -0.17
C ARG B 164 -0.48 31.16 -1.58
N TYR B 165 -1.49 30.47 -2.12
CA TYR B 165 -1.35 29.79 -3.39
C TYR B 165 -2.47 30.21 -4.33
N PRO B 166 -2.17 30.27 -5.64
CA PRO B 166 -3.18 30.59 -6.66
C PRO B 166 -4.08 29.38 -6.91
N SER B 167 -5.21 29.61 -7.57
CA SER B 167 -6.21 28.55 -7.74
C SER B 167 -5.67 27.29 -8.40
N GLU B 168 -4.70 27.42 -9.30
CA GLU B 168 -4.14 26.27 -10.03
C GLU B 168 -3.38 25.35 -9.12
N PHE B 169 -3.18 25.75 -7.87
CA PHE B 169 -2.48 24.87 -6.92
C PHE B 169 -3.35 24.44 -5.74
N LYS B 170 -4.67 24.59 -5.90
CA LYS B 170 -5.62 24.03 -4.96
C LYS B 170 -5.81 22.57 -5.28
N LYS B 171 -4.75 21.79 -5.07
CA LYS B 171 -4.72 20.40 -5.49
C LYS B 171 -5.25 19.40 -4.46
N PHE B 172 -5.10 19.71 -3.18
CA PHE B 172 -5.53 18.79 -2.12
C PHE B 172 -6.81 19.38 -1.56
N THR B 173 -7.90 18.64 -1.62
CA THR B 173 -9.20 19.18 -1.25
C THR B 173 -9.87 18.09 -0.41
N PRO B 174 -10.82 18.46 0.48
CA PRO B 174 -11.29 19.85 0.72
C PRO B 174 -10.29 20.71 1.50
N THR B 175 -10.55 22.02 1.53
CA THR B 175 -9.64 22.95 2.21
C THR B 175 -10.33 23.75 3.29
N CYS B 176 -9.51 24.52 4.02
CA CYS B 176 -9.98 25.42 5.09
C CYS B 176 -9.80 26.86 4.67
N ASP B 177 -10.82 27.49 4.10
CA ASP B 177 -10.62 28.81 3.52
C ASP B 177 -11.04 29.92 4.51
N THR B 178 -10.43 29.93 5.68
CA THR B 178 -10.75 30.94 6.70
C THR B 178 -9.58 31.17 7.60
N ASN B 179 -9.57 32.27 8.34
CA ASN B 179 -8.59 32.40 9.39
C ASN B 179 -9.00 31.65 10.67
N GLU B 180 -10.29 31.36 10.83
CA GLU B 180 -10.74 30.76 12.08
C GLU B 180 -10.45 29.28 12.16
N LEU B 181 -9.19 28.96 12.38
CA LEU B 181 -8.70 27.61 12.19
C LEU B 181 -9.44 26.59 13.08
N SER B 182 -9.93 26.99 14.25
CA SER B 182 -10.52 25.98 15.15
C SER B 182 -11.90 25.51 14.66
N LYS B 183 -12.54 26.25 13.76
CA LYS B 183 -13.80 25.77 13.13
C LYS B 183 -13.59 24.65 12.07
N CYS B 184 -12.37 24.55 11.54
CA CYS B 184 -12.09 23.63 10.42
C CYS B 184 -11.87 22.16 10.79
N ASP B 185 -12.36 21.25 9.94
CA ASP B 185 -11.97 19.87 10.04
C ASP B 185 -10.45 19.79 9.92
N SER B 186 -9.81 18.92 10.68
CA SER B 186 -8.36 18.97 10.74
C SER B 186 -7.74 18.51 9.42
N GLU B 187 -8.34 17.51 8.76
CA GLU B 187 -7.81 17.02 7.48
C GLU B 187 -7.85 18.13 6.43
N ALA B 188 -8.94 18.89 6.45
CA ALA B 188 -9.14 19.97 5.50
C ALA B 188 -8.11 21.08 5.76
N LEU B 189 -7.77 21.30 7.03
CA LEU B 189 -6.74 22.28 7.35
C LEU B 189 -5.38 21.79 6.82
N ILE B 190 -5.08 20.52 7.04
CA ILE B 190 -3.83 19.94 6.54
C ILE B 190 -3.73 20.14 5.03
N ASN B 191 -4.82 19.85 4.32
CA ASN B 191 -4.82 19.98 2.87
C ASN B 191 -4.45 21.41 2.44
N THR B 192 -5.02 22.39 3.13
CA THR B 192 -4.74 23.79 2.85
C THR B 192 -3.26 24.12 3.08
N TYR B 193 -2.71 23.61 4.17
CA TYR B 193 -1.31 23.83 4.49
C TYR B 193 -0.39 23.16 3.47
N ASP B 194 -0.77 21.94 3.09
CA ASP B 194 -0.02 21.14 2.13
C ASP B 194 -0.04 21.76 0.74
N ASN B 195 -1.17 22.35 0.36
CA ASN B 195 -1.21 23.15 -0.85
C ASN B 195 -0.16 24.27 -0.82
N THR B 196 0.04 24.93 0.32
CA THR B 196 1.03 26.01 0.36
C THR B 196 2.42 25.42 0.13
N LEU B 197 2.64 24.20 0.63
CA LEU B 197 3.91 23.53 0.42
C LEU B 197 4.10 23.14 -1.05
N LEU B 198 3.04 22.66 -1.68
CA LEU B 198 3.11 22.28 -3.09
C LEU B 198 3.56 23.49 -3.94
N TYR B 199 2.95 24.65 -3.70
CA TYR B 199 3.24 25.90 -4.44
C TYR B 199 4.68 26.40 -4.22
N THR B 200 5.14 26.31 -2.98
CA THR B 200 6.52 26.63 -2.71
C THR B 200 7.42 25.66 -3.48
N ASP B 201 7.05 24.39 -3.46
CA ASP B 201 7.80 23.37 -4.17
C ASP B 201 7.84 23.64 -5.68
N TYR B 202 6.69 23.98 -6.24
CA TYR B 202 6.63 24.33 -7.66
C TYR B 202 7.57 25.51 -7.94
N LEU B 203 7.50 26.54 -7.10
CA LEU B 203 8.35 27.70 -7.30
C LEU B 203 9.83 27.35 -7.18
N LEU B 204 10.16 26.41 -6.31
CA LEU B 204 11.54 25.97 -6.18
C LEU B 204 12.01 25.32 -7.51
N SER B 205 11.21 24.43 -8.11
CA SER B 205 11.65 23.76 -9.33
C SER B 205 11.67 24.73 -10.51
N GLU B 206 10.83 25.77 -10.48
CA GLU B 206 10.95 26.81 -11.50
C GLU B 206 12.30 27.54 -11.42
N ILE B 207 12.81 27.69 -10.19
CA ILE B 207 14.10 28.34 -9.96
C ILE B 207 15.25 27.46 -10.44
N ILE B 208 15.17 26.17 -10.13
CA ILE B 208 16.13 25.18 -10.60
C ILE B 208 16.16 25.20 -12.13
N LYS B 209 14.99 25.36 -12.75
CA LYS B 209 14.85 25.45 -14.19
C LYS B 209 15.60 26.67 -14.76
N LEU B 210 15.60 27.77 -14.02
CA LEU B 210 16.31 28.96 -14.47
C LEU B 210 17.80 28.82 -14.18
N LEU B 211 18.12 28.05 -13.15
CA LEU B 211 19.50 27.80 -12.77
C LEU B 211 20.20 26.86 -13.77
N LYS B 212 19.42 26.02 -14.46
CA LYS B 212 19.98 25.11 -15.46
C LYS B 212 20.40 25.82 -16.75
N GLU B 213 19.72 26.92 -17.09
CA GLU B 213 20.04 27.65 -18.31
C GLU B 213 21.14 28.71 -18.11
N GLN B 214 21.75 28.72 -16.94
CA GLN B 214 22.83 29.65 -16.64
C GLN B 214 24.12 28.86 -16.68
N LYS B 215 24.50 28.44 -17.89
CA LYS B 215 25.49 27.38 -18.08
C LYS B 215 26.94 27.80 -17.80
N SER B 216 27.19 29.11 -17.76
CA SER B 216 28.52 29.63 -17.43
C SER B 216 28.87 29.49 -15.94
N TYR B 217 27.87 29.16 -15.12
CA TYR B 217 28.05 29.17 -13.68
C TYR B 217 27.85 27.85 -12.99
N GLU B 218 28.49 27.72 -11.83
CA GLU B 218 28.20 26.64 -10.90
C GLU B 218 27.10 27.17 -10.00
N SER B 219 25.93 26.55 -10.09
CA SER B 219 24.76 27.10 -9.45
C SER B 219 24.22 26.18 -8.37
N SER B 220 23.81 26.77 -7.27
CA SER B 220 23.16 26.02 -6.20
C SER B 220 21.89 26.70 -5.71
N LEU B 221 20.90 25.89 -5.36
CA LEU B 221 19.71 26.38 -4.68
C LEU B 221 19.76 25.85 -3.29
N PHE B 222 19.67 26.74 -2.31
CA PHE B 222 19.49 26.25 -0.95
C PHE B 222 18.27 26.87 -0.31
N TYR B 223 17.35 26.00 0.08
CA TYR B 223 16.08 26.38 0.68
C TYR B 223 15.98 25.83 2.06
N LEU B 224 15.58 26.70 2.98
CA LEU B 224 15.24 26.27 4.32
C LEU B 224 14.13 27.15 4.89
N SER B 225 13.36 26.58 5.82
CA SER B 225 12.25 27.29 6.45
C SER B 225 12.74 28.05 7.69
N ASP B 226 12.07 29.13 8.09
CA ASP B 226 12.46 29.82 9.32
C ASP B 226 12.03 29.05 10.56
N HIS B 227 10.88 28.39 10.48
CA HIS B 227 10.38 27.56 11.58
C HIS B 227 9.19 26.76 11.06
N GLY B 228 8.69 25.85 11.90
CA GLY B 228 7.55 25.02 11.53
C GLY B 228 6.22 25.63 11.91
N GLU B 229 5.21 24.77 12.11
CA GLU B 229 3.85 25.22 12.37
C GLU B 229 3.07 24.12 13.03
N SER B 230 2.22 24.51 13.98
CA SER B 230 1.25 23.64 14.60
C SER B 230 -0.05 23.78 13.84
N LEU B 231 -0.79 22.68 13.70
CA LEU B 231 -2.02 22.70 12.92
C LEU B 231 -3.15 22.08 13.73
N GLY B 232 -3.20 22.36 15.02
CA GLY B 232 -4.25 21.83 15.87
C GLY B 232 -3.92 20.64 16.76
N GLU B 233 -2.79 19.98 16.53
CA GLU B 233 -2.37 18.88 17.40
C GLU B 233 -2.26 19.38 18.85
N ASN B 234 -2.89 18.65 19.78
CA ASN B 234 -2.91 19.01 21.18
C ASN B 234 -3.45 20.39 21.44
N GLY B 235 -4.32 20.86 20.54
CA GLY B 235 -4.95 22.15 20.69
C GLY B 235 -4.09 23.36 20.31
N ILE B 236 -2.88 23.13 19.78
CA ILE B 236 -1.97 24.22 19.42
C ILE B 236 -2.08 24.65 17.97
N TYR B 237 -2.20 25.96 17.75
CA TYR B 237 -2.17 26.55 16.42
C TYR B 237 -0.99 27.50 16.26
N LEU B 238 -0.71 27.88 15.00
CA LEU B 238 0.36 28.83 14.68
C LEU B 238 1.68 28.37 15.23
N HIS B 239 2.54 29.29 15.63
CA HIS B 239 3.85 28.86 16.07
C HIS B 239 4.28 29.71 17.26
N GLY B 240 5.58 29.88 17.41
CA GLY B 240 6.07 30.75 18.46
C GLY B 240 5.95 30.12 19.83
N MET B 241 5.70 28.82 19.90
CA MET B 241 5.68 28.22 21.23
C MET B 241 7.12 28.22 21.72
N PRO B 242 7.33 28.48 23.03
CA PRO B 242 8.72 28.50 23.52
C PRO B 242 9.51 27.25 23.11
N TYR B 243 10.71 27.48 22.59
CA TYR B 243 11.53 26.44 22.00
C TYR B 243 11.70 25.23 22.91
N ALA B 244 11.91 25.48 24.19
CA ALA B 244 12.17 24.41 25.15
C ALA B 244 11.01 23.42 25.33
N ILE B 245 9.78 23.87 25.09
CA ILE B 245 8.64 22.98 25.23
C ILE B 245 7.96 22.69 23.90
N ALA B 246 8.50 23.25 22.81
CA ALA B 246 7.82 23.17 21.51
C ALA B 246 7.77 21.79 20.86
N PRO B 247 6.65 21.49 20.21
CA PRO B 247 6.62 20.24 19.42
C PRO B 247 7.53 20.32 18.19
N SER B 248 7.98 19.17 17.71
CA SER B 248 8.87 19.12 16.55
C SER B 248 8.16 19.74 15.35
N TYR B 249 6.83 19.72 15.37
CA TYR B 249 6.07 20.38 14.33
C TYR B 249 6.51 21.83 14.09
N GLN B 250 7.01 22.50 15.15
CA GLN B 250 7.41 23.89 15.04
C GLN B 250 8.92 24.08 14.89
N THR B 251 9.71 23.12 15.31
CA THR B 251 11.17 23.26 15.25
C THR B 251 11.82 22.43 14.15
N HIS B 252 11.12 21.38 13.70
CA HIS B 252 11.63 20.45 12.67
C HIS B 252 11.27 20.93 11.27
N ILE B 253 12.27 21.46 10.55
CA ILE B 253 12.01 22.15 9.30
C ILE B 253 12.55 21.45 8.05
N PRO B 254 12.05 21.84 6.87
CA PRO B 254 12.69 21.34 5.65
C PRO B 254 13.98 22.07 5.32
N ALA B 255 14.92 21.31 4.76
CA ALA B 255 16.07 21.92 4.09
C ALA B 255 16.25 21.14 2.80
N ILE B 256 16.40 21.87 1.69
CA ILE B 256 16.47 21.29 0.38
C ILE B 256 17.67 21.89 -0.34
N PHE B 257 18.48 21.03 -0.94
CA PHE B 257 19.63 21.51 -1.71
C PHE B 257 19.68 20.94 -3.12
N TRP B 258 20.05 21.79 -4.07
CA TRP B 258 20.28 21.37 -5.45
C TRP B 258 21.50 22.08 -6.03
N SER B 259 22.22 21.42 -6.93
CA SER B 259 23.35 22.05 -7.62
C SER B 259 23.61 21.40 -8.98
N ASN B 260 24.20 22.15 -9.92
CA ASN B 260 24.64 21.57 -11.18
C ASN B 260 26.06 20.98 -11.06
N ASP B 261 26.78 21.37 -10.01
CA ASP B 261 28.04 20.74 -9.61
C ASP B 261 27.75 19.40 -8.87
N GLU B 262 28.07 18.27 -9.49
CA GLU B 262 27.65 16.98 -8.93
C GLU B 262 28.53 16.52 -7.76
N LYS B 263 29.46 17.34 -7.29
CA LYS B 263 30.22 16.87 -6.12
C LYS B 263 29.61 17.51 -4.88
N LEU B 264 29.02 18.69 -5.06
CA LEU B 264 28.25 19.31 -4.01
C LEU B 264 27.01 18.45 -3.72
N MET B 265 26.34 18.05 -4.80
CA MET B 265 25.18 17.17 -4.70
C MET B 265 25.50 15.89 -3.94
N ASN B 266 26.72 15.38 -4.07
CA ASN B 266 27.04 14.12 -3.39
C ASN B 266 27.55 14.33 -2.00
N LEU B 267 28.11 15.51 -1.75
CA LEU B 267 28.41 15.91 -0.38
C LEU B 267 27.11 16.14 0.36
N ALA B 268 26.18 16.84 -0.27
CA ALA B 268 24.88 17.08 0.34
C ALA B 268 24.18 15.77 0.70
N LYS B 269 24.13 14.81 -0.23
CA LYS B 269 23.45 13.53 0.01
C LYS B 269 24.12 12.71 1.10
N GLU B 270 25.43 12.89 1.24
CA GLU B 270 26.18 12.16 2.25
C GLU B 270 25.88 12.73 3.64
N HIS B 271 25.49 14.00 3.68
CA HIS B 271 25.23 14.72 4.93
C HIS B 271 23.76 14.79 5.32
N LYS B 272 22.89 14.41 4.40
CA LYS B 272 21.46 14.72 4.50
C LYS B 272 20.79 14.19 5.76
N GLY B 273 21.29 13.09 6.30
CA GLY B 273 20.68 12.45 7.46
C GLY B 273 21.27 12.88 8.78
N LEU B 274 22.23 13.80 8.73
CA LEU B 274 22.88 14.28 9.95
C LEU B 274 22.00 15.26 10.73
N LYS B 275 22.10 15.19 12.05
CA LYS B 275 21.44 16.16 12.92
C LYS B 275 22.02 17.55 12.68
N LEU B 276 21.37 18.33 11.81
CA LEU B 276 21.85 19.68 11.53
C LEU B 276 20.78 20.74 11.84
N SER B 277 21.06 22.00 11.50
CA SER B 277 20.19 23.13 11.88
C SER B 277 20.57 24.44 11.23
N GLN B 278 19.82 25.48 11.59
CA GLN B 278 20.10 26.82 11.13
C GLN B 278 21.47 27.33 11.58
N ASP B 279 22.01 26.71 12.64
CA ASP B 279 23.37 27.01 13.08
C ASP B 279 24.36 26.89 11.92
N ASN B 280 24.15 25.88 11.09
CA ASN B 280 25.05 25.57 9.99
C ASN B 280 25.02 26.58 8.84
N LEU B 281 24.08 27.52 8.87
CA LEU B 281 23.85 28.36 7.70
C LEU B 281 24.96 29.39 7.59
N PHE B 282 25.50 29.79 8.73
CA PHE B 282 26.53 30.80 8.77
C PHE B 282 27.78 30.37 8.00
N SER B 283 28.36 29.24 8.40
CA SER B 283 29.58 28.73 7.76
C SER B 283 29.32 28.14 6.39
N THR B 284 28.11 27.62 6.16
CA THR B 284 27.79 27.09 4.85
C THR B 284 27.82 28.26 3.86
N LEU B 285 27.42 29.44 4.32
CA LEU B 285 27.40 30.62 3.47
C LEU B 285 28.79 31.23 3.26
N LEU B 286 29.62 31.20 4.30
CA LEU B 286 30.98 31.67 4.15
C LEU B 286 31.76 30.70 3.29
N GLY B 287 31.70 29.42 3.68
CA GLY B 287 32.40 28.37 2.98
C GLY B 287 32.12 28.35 1.48
N TYR B 288 30.92 28.78 1.09
CA TYR B 288 30.50 28.66 -0.30
C TYR B 288 31.27 29.64 -1.18
N PHE B 289 31.57 30.82 -0.64
CA PHE B 289 32.30 31.84 -1.40
C PHE B 289 33.76 31.92 -0.92
N ASN B 290 34.21 30.83 -0.30
CA ASN B 290 35.58 30.65 0.17
C ASN B 290 36.11 31.81 0.97
N VAL B 291 35.26 32.40 1.81
CA VAL B 291 35.69 33.54 2.60
C VAL B 291 36.65 33.03 3.68
N LYS B 292 37.83 33.65 3.69
CA LYS B 292 38.86 33.22 4.61
C LYS B 292 38.75 34.06 5.88
N THR B 293 38.58 33.40 7.02
CA THR B 293 38.38 34.07 8.30
C THR B 293 38.50 33.05 9.41
N SER B 294 38.79 33.55 10.61
CA SER B 294 38.99 32.70 11.78
C SER B 294 37.69 32.10 12.30
N VAL B 295 36.58 32.76 11.98
CA VAL B 295 35.27 32.33 12.46
C VAL B 295 34.64 31.26 11.57
N TYR B 296 35.21 31.02 10.39
CA TYR B 296 34.70 29.94 9.53
C TYR B 296 34.95 28.56 10.14
N GLU B 297 33.88 27.79 10.33
CA GLU B 297 34.02 26.45 10.87
C GLU B 297 33.62 25.40 9.86
N PRO B 298 34.62 24.71 9.28
CA PRO B 298 34.36 23.73 8.22
C PRO B 298 33.52 22.56 8.71
N GLU B 299 33.45 22.34 10.02
CA GLU B 299 32.67 21.22 10.52
C GLU B 299 31.23 21.69 10.76
N TYR B 300 30.90 22.84 10.19
CA TYR B 300 29.54 23.38 10.22
C TYR B 300 29.09 23.76 8.82
N ASP B 301 29.98 23.60 7.86
CA ASP B 301 29.66 23.84 6.45
C ASP B 301 29.00 22.60 5.88
N LEU B 302 27.74 22.73 5.47
CA LEU B 302 26.99 21.59 4.94
C LEU B 302 27.66 21.03 3.70
N LEU B 303 28.27 21.91 2.91
CA LEU B 303 28.91 21.55 1.64
C LEU B 303 30.44 21.39 1.76
N ASN B 304 30.88 20.84 2.89
CA ASN B 304 32.29 20.67 3.18
C ASN B 304 32.54 19.34 3.90
N PRO B 305 33.50 18.54 3.42
CA PRO B 305 33.76 17.18 3.91
C PRO B 305 34.08 17.12 5.41
N LYS B 306 34.57 18.20 5.97
CA LYS B 306 34.97 18.24 7.37
C LYS B 306 33.74 18.39 8.30
N LEU B 307 32.55 18.51 7.70
CA LEU B 307 31.27 18.65 8.41
C LEU B 307 30.96 17.55 9.41
N LYS B 308 30.58 17.95 10.64
CA LYS B 308 29.97 17.00 11.58
C LYS B 308 28.58 17.44 12.01
N ALA B 309 27.87 16.54 12.68
CA ALA B 309 26.53 16.83 13.18
C ALA B 309 26.60 17.84 14.30
N ASN B 310 25.48 18.50 14.59
CA ASN B 310 25.45 19.44 15.72
C ASN B 310 25.48 18.65 17.03
N PRO B 311 26.18 19.20 18.03
CA PRO B 311 26.21 18.62 19.39
C PRO B 311 24.83 18.52 20.02
N MET C 1 -12.30 -37.55 34.43
CA MET C 1 -11.29 -38.42 33.83
C MET C 1 -10.50 -37.66 32.75
N PHE C 2 -9.19 -37.89 32.72
CA PHE C 2 -8.29 -37.23 31.78
C PHE C 2 -8.23 -37.91 30.42
N LYS C 3 -8.83 -37.28 29.41
CA LYS C 3 -8.87 -37.80 28.05
C LYS C 3 -7.55 -37.55 27.28
N THR C 4 -7.12 -38.55 26.50
CA THR C 4 -5.96 -38.42 25.58
C THR C 4 -6.42 -38.07 24.16
N ILE C 5 -5.55 -37.43 23.38
CA ILE C 5 -5.93 -37.01 22.04
C ILE C 5 -4.87 -37.45 21.06
N ALA C 6 -5.22 -37.38 19.77
CA ALA C 6 -4.35 -37.80 18.66
C ALA C 6 -3.72 -39.17 18.98
N ASN C 7 -4.57 -40.15 19.26
CA ASN C 7 -4.10 -41.45 19.72
C ASN C 7 -3.43 -42.30 18.66
N ASP C 8 -3.71 -41.97 17.41
CA ASP C 8 -3.17 -42.66 16.26
C ASP C 8 -1.91 -41.99 15.77
N ALA C 9 -1.22 -41.26 16.66
CA ALA C 9 -0.14 -40.38 16.22
C ALA C 9 1.24 -41.03 16.27
N TYR C 10 2.10 -40.58 15.35
CA TYR C 10 3.44 -41.13 15.18
C TYR C 10 4.29 -40.19 14.29
N ARG C 11 5.62 -40.31 14.37
CA ARG C 11 6.53 -39.64 13.40
C ARG C 11 7.40 -40.65 12.64
N HIS C 15 14.08 -36.88 8.75
CA HIS C 15 14.22 -36.10 9.97
C HIS C 15 15.36 -35.06 9.87
N THR C 16 15.13 -34.04 9.06
CA THR C 16 15.94 -32.80 9.04
C THR C 16 16.04 -32.16 10.45
N LYS C 17 17.05 -31.31 10.67
CA LYS C 17 17.19 -30.69 11.99
C LYS C 17 16.37 -29.39 12.09
N LYS C 18 15.48 -29.36 13.08
CA LYS C 18 14.46 -28.33 13.16
C LYS C 18 14.39 -27.62 14.52
N LEU C 19 14.10 -26.32 14.49
CA LEU C 19 13.87 -25.54 15.71
C LEU C 19 12.70 -24.56 15.57
N LEU C 20 11.65 -24.76 16.36
CA LEU C 20 10.55 -23.80 16.42
C LEU C 20 10.50 -23.10 17.78
N VAL C 21 10.55 -21.77 17.77
CA VAL C 21 10.34 -21.01 19.00
C VAL C 21 8.96 -20.36 18.94
N LEU C 22 8.08 -20.82 19.83
CA LEU C 22 6.73 -20.29 19.88
C LEU C 22 6.62 -19.28 21.01
N VAL C 23 6.32 -18.02 20.67
CA VAL C 23 6.16 -17.01 21.71
C VAL C 23 4.70 -16.64 21.91
N VAL C 24 4.17 -17.02 23.07
CA VAL C 24 2.82 -16.66 23.49
C VAL C 24 2.83 -15.34 24.30
N GLY C 25 2.28 -14.31 23.67
CA GLY C 25 2.23 -13.01 24.27
C GLY C 25 1.06 -12.87 25.25
N GLU C 26 0.82 -11.62 25.61
CA GLU C 26 -0.14 -11.27 26.65
C GLU C 26 -0.65 -9.86 26.38
N THR C 27 -1.97 -9.79 26.14
CA THR C 27 -2.72 -8.53 26.10
C THR C 27 -2.40 -7.67 24.82
N ALA C 28 -1.46 -8.12 23.98
CA ALA C 28 -1.15 -7.40 22.74
C ALA C 28 -2.31 -7.44 21.74
N ARG C 29 -2.65 -6.29 21.14
CA ARG C 29 -3.77 -6.18 20.22
C ARG C 29 -3.27 -5.69 18.87
N ALA C 30 -3.91 -6.13 17.78
CA ALA C 30 -3.40 -5.86 16.42
C ALA C 30 -3.42 -4.38 16.03
N ALA C 31 -4.44 -3.65 16.50
CA ALA C 31 -4.67 -2.27 16.10
C ALA C 31 -3.45 -1.37 16.34
N ASN C 32 -2.55 -1.80 17.21
CA ASN C 32 -1.40 -0.97 17.57
C ASN C 32 -0.07 -1.52 17.10
N TYR C 33 -0.10 -2.38 16.08
CA TYR C 33 1.13 -2.88 15.46
C TYR C 33 1.40 -2.08 14.19
N SER C 34 2.57 -1.41 14.15
CA SER C 34 2.94 -0.62 12.96
C SER C 34 3.21 -1.52 11.75
N LEU C 35 3.57 -2.78 12.02
CA LEU C 35 3.62 -3.79 10.96
C LEU C 35 2.29 -3.90 10.22
N GLY C 36 1.20 -3.49 10.87
CA GLY C 36 -0.13 -3.61 10.31
C GLY C 36 -0.76 -2.29 9.89
N GLY C 37 0.05 -1.23 9.87
CA GLY C 37 -0.47 0.05 9.43
C GLY C 37 -0.83 1.02 10.55
N TYR C 38 -0.40 0.73 11.78
CA TYR C 38 -0.51 1.68 12.90
C TYR C 38 0.54 2.76 12.73
N THR C 39 0.13 4.02 12.82
CA THR C 39 1.08 5.07 12.49
C THR C 39 1.49 5.96 13.67
N LYS C 40 0.74 5.92 14.77
CA LYS C 40 1.02 6.81 15.89
C LYS C 40 2.40 6.56 16.47
N ASN C 41 2.71 5.33 16.88
CA ASN C 41 4.06 5.01 17.36
C ASN C 41 4.63 3.80 16.61
N ASP C 42 5.91 3.85 16.25
CA ASP C 42 6.48 2.73 15.49
C ASP C 42 6.76 1.58 16.44
N THR C 43 5.69 0.87 16.80
CA THR C 43 5.74 -0.19 17.80
C THR C 43 6.56 -1.40 17.34
N ASN C 44 6.65 -1.59 16.01
CA ASN C 44 7.38 -2.72 15.43
C ASN C 44 8.69 -2.33 14.75
N PHE C 45 9.34 -1.31 15.28
CA PHE C 45 10.59 -0.80 14.76
C PHE C 45 11.69 -1.84 14.56
N TYR C 46 11.81 -2.79 15.47
CA TYR C 46 12.92 -3.74 15.38
C TYR C 46 12.64 -4.91 14.44
N THR C 47 11.48 -5.55 14.57
CA THR C 47 11.16 -6.72 13.75
C THR C 47 10.91 -6.33 12.30
N LYS C 48 10.72 -5.04 12.04
CA LYS C 48 10.61 -4.54 10.67
C LYS C 48 11.92 -4.80 9.94
N LYS C 49 13.01 -4.79 10.69
CA LYS C 49 14.35 -4.97 10.16
C LYS C 49 14.64 -6.44 9.81
N ASP C 50 13.78 -7.33 10.28
CA ASP C 50 13.96 -8.74 9.98
C ASP C 50 12.94 -9.23 8.95
N ASN C 51 12.21 -8.29 8.35
CA ASN C 51 11.19 -8.56 7.35
C ASN C 51 10.20 -9.66 7.71
N VAL C 52 9.84 -9.71 8.99
CA VAL C 52 8.91 -10.70 9.50
C VAL C 52 7.56 -10.61 8.80
N VAL C 53 6.81 -11.70 8.79
CA VAL C 53 5.47 -11.67 8.23
C VAL C 53 4.51 -11.35 9.37
N PHE C 54 3.59 -10.44 9.09
CA PHE C 54 2.58 -10.02 10.04
C PHE C 54 1.20 -10.44 9.53
N PHE C 55 0.50 -11.24 10.31
CA PHE C 55 -0.85 -11.62 9.97
C PHE C 55 -1.83 -10.53 10.40
N ASP C 56 -2.42 -9.86 9.41
CA ASP C 56 -3.22 -8.67 9.68
C ASP C 56 -4.70 -8.97 9.88
N ASN C 57 -5.06 -10.24 9.83
CA ASN C 57 -6.46 -10.60 10.00
C ASN C 57 -6.63 -11.81 10.91
N PHE C 58 -5.91 -11.78 12.02
CA PHE C 58 -5.76 -12.88 12.94
C PHE C 58 -6.57 -12.67 14.24
N SER C 59 -7.33 -13.68 14.65
CA SER C 59 -8.22 -13.58 15.81
C SER C 59 -7.86 -14.51 16.97
N SER C 60 -8.38 -14.19 18.14
CA SER C 60 -8.10 -15.02 19.30
C SER C 60 -9.32 -15.88 19.63
N CYS C 61 -9.13 -16.89 20.49
CA CYS C 61 -10.18 -17.84 20.87
C CYS C 61 -11.11 -17.27 21.96
N GLY C 62 -10.56 -16.38 22.78
CA GLY C 62 -11.32 -15.77 23.87
C GLY C 62 -10.81 -14.35 24.13
N THR C 63 -11.37 -13.70 25.14
CA THR C 63 -10.97 -12.34 25.48
C THR C 63 -10.32 -12.31 26.86
N ALA C 64 -10.02 -13.48 27.40
CA ALA C 64 -9.30 -13.59 28.66
C ALA C 64 -8.30 -14.75 28.60
N ALA C 66 -7.63 -17.20 30.69
CA ALA C 66 -8.13 -18.46 31.18
C ALA C 66 -8.79 -19.25 30.05
N VAL C 67 -9.33 -18.55 29.06
CA VAL C 67 -9.91 -19.20 27.89
C VAL C 67 -8.91 -19.31 26.73
N SER C 68 -8.27 -18.21 26.36
CA SER C 68 -7.38 -18.19 25.19
C SER C 68 -6.25 -19.21 25.24
N LEU C 69 -5.55 -19.24 26.37
CA LEU C 69 -4.33 -20.03 26.47
C LEU C 69 -4.65 -21.54 26.36
N PRO C 70 -5.59 -22.06 27.17
CA PRO C 70 -5.88 -23.48 26.93
C PRO C 70 -6.47 -23.74 25.55
N CYS C 71 -7.43 -22.91 25.15
CA CYS C 71 -8.12 -23.12 23.88
C CYS C 71 -7.21 -23.07 22.66
N MET C 72 -6.24 -22.17 22.64
CA MET C 72 -5.38 -22.06 21.46
C MET C 72 -4.55 -23.34 21.30
N PHE C 73 -4.21 -23.97 22.41
CA PHE C 73 -3.38 -25.16 22.42
C PHE C 73 -4.22 -26.44 22.35
N SER C 74 -5.54 -26.28 22.51
CA SER C 74 -6.43 -27.41 22.48
C SER C 74 -6.78 -27.83 21.05
N ILE C 75 -7.18 -29.09 20.89
CA ILE C 75 -7.65 -29.60 19.61
C ILE C 75 -8.96 -28.89 19.22
N SER C 76 -9.73 -28.49 20.23
CA SER C 76 -11.00 -27.80 20.02
C SER C 76 -10.79 -26.41 19.42
N LYS C 77 -11.73 -25.99 18.58
CA LYS C 77 -11.72 -24.64 18.05
C LYS C 77 -12.61 -23.74 18.92
N ARG C 78 -12.67 -22.44 18.63
CA ARG C 78 -13.42 -21.52 19.49
C ARG C 78 -14.88 -21.96 19.63
N GLU C 79 -15.43 -22.54 18.57
CA GLU C 79 -16.86 -22.80 18.52
C GLU C 79 -17.23 -24.00 19.41
N ASN C 80 -16.26 -24.85 19.71
CA ASN C 80 -16.56 -26.02 20.52
C ASN C 80 -15.70 -26.21 21.76
N TYR C 81 -14.80 -25.29 22.04
CA TYR C 81 -13.99 -25.36 23.26
C TYR C 81 -14.92 -25.29 24.49
N SER C 82 -14.61 -26.07 25.51
CA SER C 82 -15.33 -25.93 26.77
C SER C 82 -14.28 -25.73 27.86
N SER C 83 -14.60 -24.90 28.84
CA SER C 83 -13.67 -24.56 29.90
C SER C 83 -13.49 -25.74 30.85
N SER C 84 -14.39 -26.69 30.73
CA SER C 84 -14.40 -27.86 31.59
C SER C 84 -13.63 -29.02 30.95
N GLU C 85 -13.15 -28.84 29.71
CA GLU C 85 -12.41 -29.93 29.07
C GLU C 85 -11.09 -30.11 29.83
N PHE C 86 -10.65 -31.36 29.93
CA PHE C 86 -9.47 -31.72 30.72
C PHE C 86 -8.69 -32.81 30.01
N GLN C 87 -7.79 -32.41 29.12
CA GLN C 87 -7.24 -33.37 28.18
C GLN C 87 -5.90 -32.95 27.61
N GLU C 88 -5.28 -33.84 26.87
CA GLU C 88 -4.01 -33.55 26.24
C GLU C 88 -4.21 -32.45 25.23
N ASN C 89 -3.16 -31.68 25.00
CA ASN C 89 -3.18 -30.60 24.04
C ASN C 89 -2.07 -30.78 23.01
N ALA C 90 -1.98 -29.85 22.08
CA ALA C 90 -0.97 -29.91 21.02
C ALA C 90 0.44 -30.17 21.54
N MET C 91 0.78 -29.62 22.70
CA MET C 91 2.11 -29.83 23.29
C MET C 91 2.31 -31.28 23.70
N ASP C 92 1.27 -31.89 24.25
CA ASP C 92 1.33 -33.29 24.63
C ASP C 92 1.51 -34.19 23.40
N VAL C 93 0.83 -33.85 22.32
CA VAL C 93 0.96 -34.61 21.09
C VAL C 93 2.40 -34.59 20.64
N LEU C 94 3.07 -33.45 20.73
CA LEU C 94 4.48 -33.35 20.35
C LEU C 94 5.39 -34.09 21.33
N TYR C 95 5.07 -34.05 22.63
CA TYR C 95 5.93 -34.69 23.62
C TYR C 95 5.92 -36.21 23.53
N LYS C 96 4.73 -36.79 23.37
CA LYS C 96 4.55 -38.24 23.30
C LYS C 96 5.01 -38.79 21.95
N THR C 97 5.26 -37.85 21.03
CA THR C 97 5.64 -38.10 19.65
C THR C 97 7.13 -37.76 19.44
N GLY C 98 7.82 -37.52 20.54
CA GLY C 98 9.27 -37.43 20.52
C GLY C 98 9.90 -36.08 20.24
N VAL C 99 9.12 -35.03 20.02
CA VAL C 99 9.70 -33.69 19.85
C VAL C 99 10.26 -33.21 21.17
N ASP C 100 11.43 -32.58 21.13
CA ASP C 100 12.01 -31.96 22.32
C ASP C 100 11.20 -30.70 22.65
N ALA C 101 10.58 -30.69 23.83
CA ALA C 101 9.68 -29.60 24.20
C ALA C 101 10.25 -28.79 25.35
N ALA C 102 10.32 -27.48 25.17
CA ALA C 102 10.71 -26.56 26.23
C ALA C 102 9.63 -25.51 26.49
N TRP C 103 9.26 -25.33 27.75
CA TRP C 103 8.28 -24.29 28.10
C TRP C 103 8.83 -23.36 29.17
N PHE C 104 9.05 -22.11 28.77
CA PHE C 104 9.54 -21.08 29.68
C PHE C 104 8.45 -20.04 29.91
N ASP C 105 8.04 -19.89 31.16
CA ASP C 105 6.88 -19.06 31.46
C ASP C 105 7.25 -17.88 32.36
N ASN C 106 7.04 -16.67 31.88
CA ASN C 106 7.23 -15.47 32.66
C ASN C 106 5.90 -14.79 32.99
N ASN C 107 4.81 -15.42 32.59
CA ASN C 107 3.49 -14.83 32.80
C ASN C 107 3.02 -15.09 34.21
N SER C 108 2.55 -14.05 34.89
CA SER C 108 2.10 -14.19 36.27
C SER C 108 0.92 -15.14 36.39
N GLY C 109 0.27 -15.40 35.27
CA GLY C 109 -0.92 -16.24 35.27
C GLY C 109 -0.64 -17.71 35.08
N GLY C 110 0.63 -18.04 34.84
CA GLY C 110 1.02 -19.43 34.62
C GLY C 110 0.72 -19.93 33.21
N CYS C 111 0.82 -21.24 33.02
CA CYS C 111 0.59 -21.81 31.70
C CYS C 111 -0.87 -22.27 31.60
N LYS C 112 -1.65 -21.98 32.65
CA LYS C 112 -3.05 -22.40 32.71
C LYS C 112 -3.26 -23.87 32.30
N GLY C 113 -2.35 -24.73 32.75
CA GLY C 113 -2.50 -26.16 32.56
C GLY C 113 -2.02 -26.73 31.24
N VAL C 114 -1.47 -25.89 30.37
CA VAL C 114 -1.04 -26.36 29.08
C VAL C 114 0.28 -27.12 29.18
N CYS C 115 1.19 -26.61 30.02
CA CYS C 115 2.56 -27.13 30.11
C CYS C 115 2.74 -28.13 31.25
N ASP C 116 1.66 -28.43 31.96
CA ASP C 116 1.72 -29.23 33.20
C ASP C 116 2.43 -30.58 33.06
N ARG C 117 2.31 -31.21 31.89
CA ARG C 117 2.81 -32.57 31.68
C ARG C 117 4.07 -32.59 30.84
N LEU C 118 4.74 -31.45 30.76
CA LEU C 118 6.03 -31.39 30.10
C LEU C 118 7.14 -31.62 31.10
N ALA C 119 8.27 -32.14 30.61
CA ALA C 119 9.39 -32.50 31.46
C ALA C 119 10.18 -31.25 31.76
N TYR C 120 10.47 -30.51 30.71
CA TYR C 120 11.30 -29.33 30.83
C TYR C 120 10.51 -28.02 30.79
N LYS C 121 10.06 -27.62 31.98
CA LYS C 121 9.27 -26.41 32.13
C LYS C 121 9.85 -25.56 33.25
N GLN C 122 9.81 -24.25 33.06
CA GLN C 122 10.37 -23.34 34.06
C GLN C 122 9.48 -22.11 34.22
N LYS C 123 9.18 -21.72 35.46
CA LYS C 123 8.47 -20.47 35.63
C LYS C 123 9.35 -19.41 36.31
N LEU C 124 9.46 -18.26 35.66
CA LEU C 124 10.27 -17.16 36.15
C LEU C 124 9.46 -16.19 36.99
N SER C 125 10.13 -15.13 37.46
CA SER C 125 9.58 -14.23 38.48
C SER C 125 8.53 -13.21 38.02
N SER C 126 8.18 -13.19 36.73
CA SER C 126 7.27 -12.19 36.15
C SER C 126 7.80 -10.75 36.22
N ASP C 127 9.12 -10.61 36.09
CA ASP C 127 9.77 -9.32 35.89
C ASP C 127 9.95 -9.04 34.41
N LEU C 128 11.03 -8.39 34.03
CA LEU C 128 11.20 -8.05 32.63
C LEU C 128 11.23 -9.33 31.80
N ASP C 129 10.53 -9.31 30.67
CA ASP C 129 10.46 -10.49 29.83
C ASP C 129 11.85 -10.90 29.33
N GLU C 130 12.81 -9.97 29.30
CA GLU C 130 14.15 -10.31 28.83
C GLU C 130 14.81 -11.44 29.66
N ASN C 131 14.37 -11.63 30.90
CA ASN C 131 14.88 -12.73 31.73
C ASN C 131 14.64 -14.10 31.11
N LEU C 132 13.69 -14.16 30.17
CA LEU C 132 13.39 -15.39 29.46
C LEU C 132 14.53 -15.79 28.53
N LEU C 133 15.37 -14.82 28.15
CA LEU C 133 16.50 -15.08 27.28
C LEU C 133 17.54 -15.95 27.98
N ILE C 134 17.52 -15.98 29.30
CA ILE C 134 18.49 -16.78 30.04
C ILE C 134 18.26 -18.30 29.81
N PRO C 135 17.07 -18.85 30.18
CA PRO C 135 16.98 -20.28 29.90
C PRO C 135 16.80 -20.60 28.41
N PHE C 136 16.42 -19.62 27.61
CA PHE C 136 16.31 -19.83 26.17
C PHE C 136 17.69 -20.03 25.55
N LYS C 137 18.66 -19.23 25.98
CA LYS C 137 20.03 -19.35 25.51
C LYS C 137 20.62 -20.69 25.99
N GLU C 138 20.31 -21.05 27.24
CA GLU C 138 20.82 -22.28 27.82
C GLU C 138 20.30 -23.53 27.12
N LYS C 139 19.03 -23.50 26.70
CA LYS C 139 18.46 -24.61 25.98
C LYS C 139 18.99 -24.64 24.55
N LEU C 140 19.47 -23.50 24.08
CA LEU C 140 20.01 -23.43 22.74
C LEU C 140 21.34 -24.16 22.63
N ASN C 141 21.97 -24.44 23.77
CA ASN C 141 23.22 -25.18 23.79
C ASN C 141 22.94 -26.69 23.73
N HIS C 142 21.89 -27.07 24.46
CA HIS C 142 21.52 -28.47 24.63
C HIS C 142 20.30 -28.86 23.80
N LEU C 143 20.36 -28.60 22.50
CA LEU C 143 19.30 -28.96 21.57
C LEU C 143 19.29 -30.44 21.19
N SER C 144 18.14 -30.93 20.73
CA SER C 144 18.07 -32.24 20.09
C SER C 144 17.81 -31.97 18.62
N ASP C 145 17.27 -32.95 17.92
CA ASP C 145 17.11 -32.80 16.48
C ASP C 145 15.82 -32.09 16.05
N GLN C 146 14.74 -32.28 16.82
CA GLN C 146 13.53 -31.52 16.59
C GLN C 146 13.05 -30.91 17.91
N ASN C 147 12.94 -29.59 17.92
CA ASN C 147 12.64 -28.83 19.12
C ASN C 147 11.53 -27.82 18.96
N ILE C 148 10.67 -27.76 19.97
CA ILE C 148 9.79 -26.64 20.10
C ILE C 148 10.16 -25.96 21.41
N ILE C 149 10.39 -24.65 21.35
CA ILE C 149 10.59 -23.87 22.58
C ILE C 149 9.49 -22.82 22.74
N VAL C 150 8.74 -22.95 23.82
CA VAL C 150 7.71 -21.98 24.14
C VAL C 150 8.17 -21.01 25.22
N LEU C 151 8.08 -19.73 24.87
CA LEU C 151 8.34 -18.60 25.76
C LEU C 151 7.00 -17.92 26.00
N HIS C 152 6.59 -17.86 27.26
CA HIS C 152 5.31 -17.22 27.58
C HIS C 152 5.58 -15.85 28.22
N LEU C 153 5.22 -14.78 27.51
CA LEU C 153 5.51 -13.42 27.96
C LEU C 153 4.58 -12.87 29.02
N GLN C 154 5.11 -11.96 29.83
CA GLN C 154 4.27 -11.10 30.63
C GLN C 154 3.71 -10.01 29.71
N GLY C 155 4.48 -9.64 28.69
CA GLY C 155 4.01 -8.79 27.59
C GLY C 155 3.42 -7.43 27.93
N SER C 156 2.15 -7.23 27.56
CA SER C 156 1.48 -5.95 27.74
C SER C 156 0.50 -6.05 28.90
N HIS C 157 0.80 -6.93 29.84
CA HIS C 157 -0.08 -7.16 30.99
C HIS C 157 -0.40 -5.89 31.77
N GLY C 158 -1.69 -5.64 31.98
CA GLY C 158 -2.17 -4.47 32.70
C GLY C 158 -2.78 -4.79 34.04
N PRO C 159 -3.24 -3.75 34.76
CA PRO C 159 -3.24 -2.34 34.33
C PRO C 159 -1.89 -1.64 34.50
N THR C 160 -0.93 -2.31 35.14
CA THR C 160 0.38 -1.71 35.36
C THR C 160 1.29 -1.82 34.14
N TYR C 161 0.79 -1.35 32.99
CA TYR C 161 1.53 -1.41 31.72
C TYR C 161 2.95 -0.82 31.85
N TYR C 162 3.06 0.27 32.60
CA TYR C 162 4.33 1.00 32.71
C TYR C 162 5.42 0.16 33.36
N LYS C 163 5.03 -0.94 34.01
CA LYS C 163 6.01 -1.80 34.66
C LYS C 163 6.56 -2.92 33.76
N ARG C 164 6.10 -3.01 32.52
CA ARG C 164 6.47 -4.16 31.67
C ARG C 164 7.81 -3.97 30.95
N TYR C 165 8.29 -2.74 30.91
CA TYR C 165 9.50 -2.46 30.15
C TYR C 165 10.54 -1.70 30.95
N PRO C 166 11.83 -1.90 30.62
CA PRO C 166 12.89 -1.10 31.25
C PRO C 166 12.88 0.30 30.69
N SER C 167 13.53 1.23 31.38
CA SER C 167 13.52 2.63 31.01
C SER C 167 13.95 2.90 29.55
N GLU C 168 14.81 2.03 28.99
CA GLU C 168 15.32 2.23 27.63
C GLU C 168 14.26 2.09 26.55
N PHE C 169 13.08 1.62 26.92
CA PHE C 169 12.01 1.46 25.95
C PHE C 169 10.82 2.36 26.30
N LYS C 170 11.04 3.31 27.20
CA LYS C 170 10.07 4.39 27.45
C LYS C 170 10.28 5.42 26.35
N LYS C 171 10.00 4.99 25.13
CA LYS C 171 10.30 5.73 23.93
C LYS C 171 9.16 6.65 23.55
N PHE C 172 7.95 6.27 23.93
CA PHE C 172 6.78 7.08 23.60
C PHE C 172 6.26 7.75 24.86
N THR C 173 6.21 9.09 24.84
CA THR C 173 5.89 9.87 26.04
C THR C 173 4.90 10.99 25.72
N PRO C 174 4.11 11.43 26.71
CA PRO C 174 4.05 11.02 28.12
C PRO C 174 3.40 9.68 28.33
N THR C 175 3.53 9.13 29.52
CA THR C 175 3.00 7.81 29.83
C THR C 175 2.06 7.86 31.02
N CYS C 176 1.39 6.73 31.28
CA CYS C 176 0.45 6.60 32.39
C CYS C 176 1.05 5.68 33.44
N ASP C 177 1.72 6.26 34.42
CA ASP C 177 2.50 5.47 35.38
C ASP C 177 1.71 5.25 36.66
N THR C 178 0.51 4.72 36.50
CA THR C 178 -0.38 4.32 37.59
C THR C 178 -1.36 3.23 37.09
N ASN C 179 -1.99 2.52 38.03
CA ASN C 179 -3.00 1.56 37.67
C ASN C 179 -4.38 2.15 37.45
N GLU C 180 -4.61 3.37 37.96
CA GLU C 180 -5.90 4.04 37.86
C GLU C 180 -6.03 4.68 36.51
N LEU C 181 -6.31 3.86 35.51
CA LEU C 181 -6.21 4.27 34.13
C LEU C 181 -7.07 5.49 33.83
N SER C 182 -8.17 5.62 34.56
CA SER C 182 -9.12 6.68 34.31
C SER C 182 -8.57 8.06 34.75
N LYS C 183 -7.49 8.05 35.54
CA LYS C 183 -6.78 9.30 35.82
C LYS C 183 -5.93 9.73 34.63
N CYS C 184 -5.57 8.78 33.77
CA CYS C 184 -4.69 9.10 32.67
C CYS C 184 -5.46 9.58 31.46
N ASP C 185 -4.84 10.53 30.79
CA ASP C 185 -5.20 10.98 29.47
C ASP C 185 -5.07 9.82 28.46
N SER C 186 -5.88 9.84 27.41
CA SER C 186 -5.90 8.73 26.48
C SER C 186 -4.60 8.64 25.66
N GLU C 187 -4.04 9.76 25.25
CA GLU C 187 -2.76 9.70 24.56
C GLU C 187 -1.68 9.11 25.46
N ALA C 188 -1.69 9.49 26.74
CA ALA C 188 -0.69 9.00 27.66
C ALA C 188 -0.86 7.50 27.92
N LEU C 189 -2.11 7.02 28.04
CA LEU C 189 -2.32 5.58 28.24
C LEU C 189 -1.85 4.83 27.00
N ILE C 190 -2.22 5.33 25.81
CA ILE C 190 -1.83 4.68 24.56
C ILE C 190 -0.32 4.54 24.40
N ASN C 191 0.42 5.62 24.69
CA ASN C 191 1.88 5.61 24.59
C ASN C 191 2.48 4.53 25.46
N THR C 192 1.96 4.41 26.68
CA THR C 192 2.44 3.43 27.63
C THR C 192 2.28 2.02 27.07
N TYR C 193 1.13 1.78 26.46
CA TYR C 193 0.82 0.49 25.87
C TYR C 193 1.76 0.21 24.69
N ASP C 194 1.98 1.24 23.88
CA ASP C 194 2.83 1.11 22.71
C ASP C 194 4.26 0.83 23.14
N ASN C 195 4.66 1.39 24.28
CA ASN C 195 5.97 1.07 24.86
C ASN C 195 6.10 -0.40 25.15
N THR C 196 5.05 -1.00 25.70
CA THR C 196 5.09 -2.40 26.04
C THR C 196 5.20 -3.27 24.75
N LEU C 197 4.58 -2.83 23.66
CA LEU C 197 4.66 -3.55 22.39
C LEU C 197 6.05 -3.42 21.81
N LEU C 198 6.62 -2.23 21.93
CA LEU C 198 7.97 -1.92 21.43
C LEU C 198 9.01 -2.84 22.04
N TYR C 199 8.94 -3.02 23.35
CA TYR C 199 9.84 -3.91 24.06
C TYR C 199 9.65 -5.38 23.64
N THR C 200 8.40 -5.82 23.54
CA THR C 200 8.11 -7.17 23.12
C THR C 200 8.66 -7.34 21.70
N ASP C 201 8.49 -6.31 20.89
CA ASP C 201 8.99 -6.33 19.54
C ASP C 201 10.50 -6.53 19.51
N TYR C 202 11.20 -5.76 20.36
CA TYR C 202 12.66 -5.83 20.46
C TYR C 202 13.11 -7.23 20.83
N LEU C 203 12.48 -7.81 21.84
CA LEU C 203 12.80 -9.15 22.28
C LEU C 203 12.59 -10.19 21.17
N LEU C 204 11.57 -9.99 20.34
CA LEU C 204 11.32 -10.89 19.23
C LEU C 204 12.54 -10.88 18.31
N SER C 205 13.03 -9.68 17.97
CA SER C 205 14.15 -9.58 17.04
C SER C 205 15.44 -10.07 17.69
N GLU C 206 15.55 -9.93 19.01
CA GLU C 206 16.68 -10.50 19.74
C GLU C 206 16.65 -12.01 19.66
N ILE C 207 15.44 -12.56 19.68
CA ILE C 207 15.22 -13.99 19.59
C ILE C 207 15.63 -14.44 18.21
N ILE C 208 15.19 -13.68 17.21
CA ILE C 208 15.56 -13.92 15.83
C ILE C 208 17.09 -13.89 15.61
N LYS C 209 17.79 -12.95 16.24
CA LYS C 209 19.25 -12.89 16.08
C LYS C 209 19.96 -14.10 16.68
N LEU C 210 19.38 -14.70 17.70
CA LEU C 210 19.96 -15.91 18.29
C LEU C 210 19.66 -17.14 17.41
N LEU C 211 18.58 -17.07 16.65
CA LEU C 211 18.21 -18.14 15.74
C LEU C 211 19.06 -18.12 14.47
N LYS C 212 19.58 -16.94 14.11
CA LYS C 212 20.39 -16.82 12.90
C LYS C 212 21.79 -17.41 13.09
N GLU C 213 22.28 -17.39 14.32
CA GLU C 213 23.61 -17.92 14.63
C GLU C 213 23.58 -19.41 14.91
N GLN C 214 22.43 -20.03 14.70
CA GLN C 214 22.25 -21.46 14.88
C GLN C 214 22.22 -22.12 13.50
N LYS C 215 23.37 -22.15 12.84
CA LYS C 215 23.44 -22.53 11.43
C LYS C 215 23.21 -24.02 11.23
N SER C 216 23.25 -24.78 12.32
CA SER C 216 23.01 -26.22 12.30
C SER C 216 21.53 -26.60 12.09
N TYR C 217 20.63 -25.65 12.36
CA TYR C 217 19.21 -25.92 12.28
C TYR C 217 18.55 -24.96 11.33
N GLU C 218 17.45 -25.37 10.72
CA GLU C 218 16.59 -24.38 10.05
C GLU C 218 15.44 -24.02 11.02
N SER C 219 15.41 -22.74 11.39
CA SER C 219 14.59 -22.25 12.51
C SER C 219 13.45 -21.29 12.16
N SER C 220 12.36 -21.41 12.92
CA SER C 220 11.24 -20.48 12.80
C SER C 220 10.82 -19.91 14.15
N LEU C 221 10.40 -18.65 14.12
CA LEU C 221 9.75 -18.01 15.26
C LEU C 221 8.29 -17.75 14.94
N PHE C 222 7.40 -18.19 15.82
CA PHE C 222 6.01 -17.79 15.68
C PHE C 222 5.51 -17.12 16.95
N TYR C 223 5.02 -15.89 16.79
CA TYR C 223 4.53 -15.10 17.91
C TYR C 223 3.06 -14.81 17.71
N LEU C 224 2.26 -15.04 18.74
CA LEU C 224 0.87 -14.61 18.70
C LEU C 224 0.43 -14.22 20.12
N SER C 225 -0.56 -13.34 20.21
CA SER C 225 -1.02 -12.87 21.51
C SER C 225 -2.20 -13.73 21.95
N ASP C 226 -2.46 -13.78 23.26
CA ASP C 226 -3.61 -14.51 23.75
C ASP C 226 -4.93 -13.77 23.53
N HIS C 227 -4.90 -12.45 23.62
CA HIS C 227 -6.08 -11.61 23.38
C HIS C 227 -5.66 -10.15 23.28
N GLY C 228 -6.60 -9.28 22.92
CA GLY C 228 -6.30 -7.87 22.82
C GLY C 228 -6.56 -7.14 24.13
N GLU C 229 -6.85 -5.85 24.02
CA GLU C 229 -7.04 -4.99 25.18
C GLU C 229 -7.80 -3.75 24.79
N SER C 230 -8.73 -3.32 25.64
CA SER C 230 -9.39 -2.04 25.48
C SER C 230 -8.58 -1.00 26.25
N LEU C 231 -8.49 0.21 25.71
CA LEU C 231 -7.68 1.24 26.33
C LEU C 231 -8.47 2.52 26.53
N GLY C 232 -9.70 2.38 27.04
CA GLY C 232 -10.56 3.50 27.32
C GLY C 232 -11.54 3.85 26.22
N GLU C 233 -11.34 3.32 25.01
CA GLU C 233 -12.31 3.53 23.94
C GLU C 233 -13.72 3.19 24.43
N ASN C 234 -14.63 4.15 24.24
CA ASN C 234 -16.00 4.02 24.69
C ASN C 234 -16.12 3.70 26.17
N GLY C 235 -15.12 4.09 26.95
CA GLY C 235 -15.15 3.86 28.39
C GLY C 235 -14.81 2.43 28.79
N ILE C 236 -14.43 1.58 27.83
CA ILE C 236 -14.07 0.21 28.17
C ILE C 236 -12.58 0.14 28.43
N TYR C 237 -12.21 -0.44 29.56
CA TYR C 237 -10.81 -0.72 29.87
C TYR C 237 -10.62 -2.23 30.01
N LEU C 238 -9.36 -2.66 29.97
CA LEU C 238 -8.95 -4.04 30.18
C LEU C 238 -9.55 -5.00 29.11
N HIS C 239 -9.91 -6.21 29.52
CA HIS C 239 -10.45 -7.16 28.56
C HIS C 239 -11.55 -8.02 29.18
N GLY C 240 -11.69 -9.25 28.71
CA GLY C 240 -12.62 -10.20 29.28
C GLY C 240 -14.06 -9.93 28.95
N MET C 241 -14.32 -9.04 27.99
CA MET C 241 -15.69 -8.85 27.56
C MET C 241 -16.17 -10.11 26.81
N PRO C 242 -17.43 -10.52 27.00
CA PRO C 242 -17.94 -11.70 26.29
C PRO C 242 -17.66 -11.62 24.80
N TYR C 243 -17.11 -12.71 24.26
CA TYR C 243 -16.54 -12.73 22.92
C TYR C 243 -17.44 -12.13 21.84
N ALA C 244 -18.71 -12.52 21.88
CA ALA C 244 -19.68 -12.13 20.86
C ALA C 244 -19.92 -10.61 20.84
N ILE C 245 -19.76 -9.95 21.97
CA ILE C 245 -20.05 -8.52 22.05
C ILE C 245 -18.80 -7.67 22.25
N ALA C 246 -17.65 -8.33 22.33
CA ALA C 246 -16.39 -7.69 22.60
C ALA C 246 -15.98 -6.86 21.39
N PRO C 247 -15.34 -5.70 21.62
CA PRO C 247 -14.81 -4.89 20.51
C PRO C 247 -13.63 -5.58 19.86
N SER C 248 -13.33 -5.27 18.61
CA SER C 248 -12.23 -5.91 17.90
C SER C 248 -10.89 -5.67 18.58
N TYR C 249 -10.80 -4.58 19.37
CA TYR C 249 -9.62 -4.32 20.18
C TYR C 249 -9.24 -5.51 21.06
N GLN C 250 -10.24 -6.28 21.46
CA GLN C 250 -10.00 -7.38 22.37
C GLN C 250 -9.82 -8.74 21.65
N THR C 251 -10.35 -8.86 20.43
CA THR C 251 -10.33 -10.11 19.66
C THR C 251 -9.38 -10.11 18.46
N HIS C 252 -9.04 -8.93 17.97
CA HIS C 252 -8.12 -8.81 16.86
C HIS C 252 -6.70 -8.73 17.43
N ILE C 253 -5.92 -9.78 17.21
CA ILE C 253 -4.57 -9.92 17.79
C ILE C 253 -3.47 -9.95 16.73
N PRO C 254 -2.22 -9.70 17.16
CA PRO C 254 -1.10 -9.90 16.24
C PRO C 254 -0.68 -11.36 16.11
N ALA C 255 -0.17 -11.71 14.94
CA ALA C 255 0.61 -12.93 14.77
C ALA C 255 1.76 -12.59 13.82
N ILE C 256 2.96 -13.00 14.21
CA ILE C 256 4.16 -12.65 13.48
C ILE C 256 4.94 -13.93 13.24
N PHE C 257 5.39 -14.13 12.01
CA PHE C 257 6.20 -15.30 11.69
C PHE C 257 7.51 -14.91 11.00
N TRP C 258 8.58 -15.56 11.43
CA TRP C 258 9.90 -15.43 10.81
C TRP C 258 10.59 -16.77 10.70
N SER C 259 11.36 -16.96 9.63
CA SER C 259 12.12 -18.18 9.44
C SER C 259 13.33 -17.95 8.54
N ASN C 260 14.37 -18.78 8.69
CA ASN C 260 15.50 -18.79 7.76
C ASN C 260 15.23 -19.71 6.55
N ASP C 261 14.25 -20.60 6.66
CA ASP C 261 13.72 -21.32 5.50
C ASP C 261 12.86 -20.38 4.69
N GLU C 262 13.36 -19.99 3.52
CA GLU C 262 12.74 -18.93 2.75
C GLU C 262 11.53 -19.40 1.96
N LYS C 263 11.12 -20.64 2.17
CA LYS C 263 9.90 -21.12 1.52
C LYS C 263 8.75 -21.08 2.52
N LEU C 264 9.07 -21.28 3.81
CA LEU C 264 8.10 -21.04 4.87
C LEU C 264 7.81 -19.54 4.91
N MET C 265 8.85 -18.72 4.82
CA MET C 265 8.67 -17.27 4.75
C MET C 265 7.77 -16.88 3.59
N ASN C 266 7.83 -17.62 2.49
CA ASN C 266 7.02 -17.23 1.33
C ASN C 266 5.63 -17.83 1.40
N LEU C 267 5.50 -18.94 2.11
CA LEU C 267 4.18 -19.52 2.36
C LEU C 267 3.39 -18.61 3.29
N ALA C 268 4.06 -18.21 4.37
CA ALA C 268 3.51 -17.29 5.35
C ALA C 268 3.09 -16.00 4.67
N LYS C 269 3.94 -15.48 3.78
CA LYS C 269 3.66 -14.20 3.13
C LYS C 269 2.38 -14.27 2.31
N GLU C 270 2.10 -15.43 1.72
CA GLU C 270 0.91 -15.56 0.89
C GLU C 270 -0.35 -15.74 1.72
N HIS C 271 -0.20 -16.23 2.95
CA HIS C 271 -1.33 -16.51 3.85
C HIS C 271 -1.64 -15.40 4.85
N LYS C 272 -0.76 -14.40 4.94
CA LYS C 272 -0.81 -13.39 6.00
C LYS C 272 -2.14 -12.62 6.06
N GLY C 273 -2.82 -12.44 4.92
CA GLY C 273 -4.06 -11.67 4.90
C GLY C 273 -5.34 -12.49 5.04
N LEU C 274 -5.20 -13.80 5.20
CA LEU C 274 -6.37 -14.66 5.31
C LEU C 274 -6.99 -14.57 6.69
N LYS C 275 -8.32 -14.62 6.77
CA LYS C 275 -9.02 -14.65 8.04
C LYS C 275 -8.61 -15.90 8.81
N LEU C 276 -7.67 -15.71 9.73
CA LEU C 276 -7.19 -16.79 10.57
C LEU C 276 -7.45 -16.48 12.07
N SER C 277 -6.97 -17.36 12.94
CA SER C 277 -7.26 -17.28 14.36
C SER C 277 -6.43 -18.26 15.17
N GLN C 278 -6.58 -18.22 16.48
CA GLN C 278 -5.85 -19.17 17.31
C GLN C 278 -6.26 -20.61 16.98
N ASP C 279 -7.45 -20.77 16.39
CA ASP C 279 -7.89 -22.11 15.94
C ASP C 279 -6.83 -22.77 15.10
N ASN C 280 -6.13 -21.98 14.29
CA ASN C 280 -5.11 -22.50 13.40
C ASN C 280 -3.85 -23.04 14.07
N LEU C 281 -3.70 -22.81 15.37
CA LEU C 281 -2.41 -23.08 15.99
C LEU C 281 -2.20 -24.58 16.25
N PHE C 282 -3.30 -25.29 16.47
CA PHE C 282 -3.22 -26.71 16.77
C PHE C 282 -2.58 -27.51 15.65
N SER C 283 -3.15 -27.38 14.45
CA SER C 283 -2.66 -28.15 13.31
C SER C 283 -1.34 -27.58 12.79
N THR C 284 -1.13 -26.28 12.98
CA THR C 284 0.12 -25.63 12.56
C THR C 284 1.29 -26.21 13.35
N LEU C 285 1.03 -26.53 14.60
CA LEU C 285 2.05 -27.11 15.48
C LEU C 285 2.27 -28.58 15.14
N LEU C 286 1.20 -29.29 14.79
CA LEU C 286 1.33 -30.68 14.37
C LEU C 286 2.05 -30.71 13.03
N GLY C 287 1.54 -29.92 12.08
CA GLY C 287 2.10 -29.86 10.75
C GLY C 287 3.59 -29.57 10.70
N TYR C 288 4.06 -28.78 11.68
CA TYR C 288 5.44 -28.32 11.67
C TYR C 288 6.39 -29.47 11.98
N PHE C 289 5.95 -30.38 12.84
CA PHE C 289 6.79 -31.54 13.18
C PHE C 289 6.32 -32.84 12.48
N ASN C 290 5.59 -32.66 11.39
CA ASN C 290 5.11 -33.74 10.54
C ASN C 290 4.47 -34.86 11.34
N VAL C 291 3.72 -34.49 12.36
CA VAL C 291 3.02 -35.48 13.16
C VAL C 291 1.85 -36.01 12.34
N LYS C 292 1.80 -37.32 12.14
CA LYS C 292 0.72 -37.92 11.36
C LYS C 292 -0.42 -38.37 12.27
N THR C 293 -1.62 -37.90 11.99
CA THR C 293 -2.80 -38.23 12.79
C THR C 293 -4.05 -37.80 12.06
N SER C 294 -5.15 -38.47 12.37
CA SER C 294 -6.42 -38.22 11.68
C SER C 294 -6.98 -36.87 12.09
N VAL C 295 -6.50 -36.36 13.22
CA VAL C 295 -6.98 -35.08 13.72
C VAL C 295 -6.22 -33.90 13.07
N TYR C 296 -5.10 -34.19 12.40
CA TYR C 296 -4.38 -33.13 11.71
C TYR C 296 -5.14 -32.60 10.50
N GLU C 297 -5.36 -31.30 10.49
CA GLU C 297 -6.12 -30.67 9.42
C GLU C 297 -5.28 -29.77 8.56
N PRO C 298 -4.98 -30.21 7.34
CA PRO C 298 -4.05 -29.47 6.47
C PRO C 298 -4.55 -28.08 6.13
N GLU C 299 -5.86 -27.85 6.17
CA GLU C 299 -6.40 -26.55 5.80
C GLU C 299 -6.51 -25.54 6.97
N TYR C 300 -5.79 -25.85 8.04
CA TYR C 300 -5.71 -24.99 9.21
C TYR C 300 -4.25 -24.76 9.54
N ASP C 301 -3.38 -25.38 8.74
CA ASP C 301 -1.94 -25.22 8.90
C ASP C 301 -1.45 -23.97 8.14
N LEU C 302 -0.94 -23.00 8.89
CA LEU C 302 -0.47 -21.72 8.34
C LEU C 302 0.67 -21.91 7.33
N LEU C 303 1.49 -22.92 7.56
CA LEU C 303 2.65 -23.22 6.71
C LEU C 303 2.40 -24.38 5.72
N ASN C 304 1.17 -24.47 5.21
CA ASN C 304 0.78 -25.56 4.32
C ASN C 304 -0.12 -25.04 3.22
N PRO C 305 0.23 -25.32 1.95
CA PRO C 305 -0.41 -24.72 0.77
C PRO C 305 -1.92 -24.94 0.69
N LYS C 306 -2.45 -25.96 1.32
CA LYS C 306 -3.89 -26.18 1.27
C LYS C 306 -4.64 -25.32 2.27
N LEU C 307 -3.91 -24.49 3.03
CA LEU C 307 -4.54 -23.61 4.03
C LEU C 307 -5.63 -22.77 3.40
N LYS C 308 -6.78 -22.79 4.05
CA LYS C 308 -7.85 -21.88 3.73
C LYS C 308 -8.07 -20.96 4.91
N ALA C 309 -8.90 -19.95 4.70
CA ALA C 309 -9.28 -19.05 5.76
C ALA C 309 -10.18 -19.83 6.71
N ASN C 310 -10.43 -19.28 7.90
CA ASN C 310 -11.43 -19.89 8.76
C ASN C 310 -12.77 -19.67 8.10
N PRO C 311 -13.69 -20.62 8.24
CA PRO C 311 -15.06 -20.37 7.76
C PRO C 311 -15.69 -19.15 8.43
#